data_1VL0
#
_entry.id   1VL0
#
_cell.length_a   106.800
_cell.length_b   130.670
_cell.length_c   151.050
_cell.angle_alpha   90.00
_cell.angle_beta   90.00
_cell.angle_gamma   90.00
#
_symmetry.space_group_name_H-M   'C 2 2 21'
#
loop_
_entity.id
_entity.type
_entity.pdbx_description
1 polymer 'DTDP-4-dehydrorhamnose reductase, rfbD ortholog'
2 non-polymer '1,4-DIHYDRONICOTINAMIDE ADENINE DINUCLEOTIDE'
3 non-polymer 'UNKNOWN LIGAND'
4 water water
#
_entity_poly.entity_id   1
_entity_poly.type   'polypeptide(L)'
_entity_poly.pdbx_seq_one_letter_code
;(MSE)GSDKIHHHHHH(MSE)KILITGANGQLGREIQKQLKGKNVEVIPTDVQDLDITNVLAVNKFFNEKKPNVVINCAA
HTAVDKCEEQYDLAYKINAIGPKNLAAAAYSVGAEIVQISTDYVFDGEAKEPITEFDEVNPQSAYGKTKLEGENFVKALN
PKYYIVRTAWLYGDGNNFVKT(MSE)INLGKTHDELKVVHDQVGTPTSTVDLARVVLKVIDEKNYGTFHCTCKGICSWYD
FAVEIFRLTGIDVKVTPCTTEEFPRPAKRPKYSVLRNY(MSE)LELTTGDITREWKESLKEYIDLLQ(MSE)
;
_entity_poly.pdbx_strand_id   A,B,C
#
# COMPACT_ATOMS: atom_id res chain seq x y z
N HIS A 12 24.54 -18.90 13.37
CA HIS A 12 24.06 -17.80 14.30
C HIS A 12 23.40 -16.59 13.58
N LYS A 14 22.60 -12.86 12.57
CA LYS A 14 23.36 -11.66 12.34
C LYS A 14 22.39 -10.45 12.28
N ILE A 15 22.58 -9.52 13.18
CA ILE A 15 21.78 -8.33 13.30
C ILE A 15 22.59 -7.08 13.01
N LEU A 16 22.26 -6.42 11.90
CA LEU A 16 22.80 -5.10 11.61
C LEU A 16 21.97 -4.05 12.29
N ILE A 17 22.64 -3.16 13.03
CA ILE A 17 21.99 -2.01 13.60
C ILE A 17 22.53 -0.77 12.95
N THR A 18 21.65 0.04 12.37
CA THR A 18 22.04 1.34 11.85
C THR A 18 21.67 2.42 12.83
N GLY A 19 22.49 3.48 12.89
CA GLY A 19 22.30 4.55 13.90
C GLY A 19 22.56 4.01 15.29
N ALA A 20 23.54 3.13 15.36
CA ALA A 20 23.79 2.28 16.53
C ALA A 20 24.36 3.03 17.76
N ASN A 21 24.94 4.20 17.51
CA ASN A 21 25.41 5.07 18.57
C ASN A 21 24.31 5.92 19.23
N GLY A 22 23.13 5.97 18.65
CA GLY A 22 22.00 6.75 19.19
C GLY A 22 21.43 6.13 20.46
N GLN A 23 20.41 6.77 21.03
CA GLN A 23 19.81 6.26 22.26
C GLN A 23 19.33 4.81 22.16
N LEU A 24 18.49 4.50 21.18
CA LEU A 24 17.96 3.16 21.05
C LEU A 24 19.04 2.18 20.58
N GLY A 25 19.86 2.61 19.63
CA GLY A 25 20.92 1.76 19.11
C GLY A 25 21.79 1.22 20.24
N ARG A 26 22.17 2.09 21.16
CA ARG A 26 22.93 1.69 22.35
C ARG A 26 22.19 0.72 23.25
N GLU A 27 20.90 0.95 23.47
CA GLU A 27 20.15 0.07 24.32
C GLU A 27 19.98 -1.33 23.73
N ILE A 28 19.79 -1.41 22.41
CA ILE A 28 19.64 -2.69 21.77
C ILE A 28 20.95 -3.46 21.87
N GLN A 29 22.07 -2.79 21.62
CA GLN A 29 23.38 -3.44 21.78
C GLN A 29 23.50 -4.01 23.20
N LYS A 30 23.10 -3.23 24.19
CA LYS A 30 23.19 -3.62 25.58
C LYS A 30 22.31 -4.82 25.91
N GLN A 31 21.08 -4.83 25.41
CA GLN A 31 20.18 -5.97 25.64
C GLN A 31 20.57 -7.23 24.86
N LEU A 32 21.38 -7.07 23.81
CA LEU A 32 21.84 -8.21 23.04
C LEU A 32 23.19 -8.77 23.51
N LYS A 33 23.89 -8.07 24.39
CA LYS A 33 25.14 -8.58 24.93
C LYS A 33 24.93 -9.96 25.60
N GLY A 34 25.78 -10.91 25.25
CA GLY A 34 25.69 -12.24 25.81
C GLY A 34 24.64 -13.15 25.20
N LYS A 35 23.76 -12.62 24.35
CA LYS A 35 22.85 -13.45 23.60
C LYS A 35 23.62 -14.14 22.48
N ASN A 36 23.00 -15.17 21.90
CA ASN A 36 23.64 -15.93 20.83
C ASN A 36 23.38 -15.30 19.43
N VAL A 37 23.90 -14.09 19.25
CA VAL A 37 23.68 -13.31 18.04
C VAL A 37 24.94 -12.54 17.76
N GLU A 38 25.25 -12.38 16.49
CA GLU A 38 26.32 -11.51 16.06
C GLU A 38 25.73 -10.15 15.72
N VAL A 39 26.11 -9.13 16.48
CA VAL A 39 25.64 -7.76 16.26
C VAL A 39 26.67 -6.95 15.48
N ILE A 40 26.20 -6.25 14.45
CA ILE A 40 27.03 -5.38 13.64
C ILE A 40 26.50 -3.97 13.78
N PRO A 41 27.09 -3.19 14.69
CA PRO A 41 26.65 -1.83 14.89
C PRO A 41 27.30 -0.89 13.89
N THR A 42 26.51 -0.02 13.29
CA THR A 42 27.04 0.94 12.36
C THR A 42 26.41 2.26 12.64
N ASP A 43 27.20 3.28 12.40
CA ASP A 43 26.66 4.62 12.29
C ASP A 43 27.20 5.22 11.00
N VAL A 44 26.95 6.49 10.80
CA VAL A 44 27.08 7.09 9.45
C VAL A 44 28.46 6.89 8.85
N GLN A 45 29.48 6.93 9.69
CA GLN A 45 30.85 6.81 9.22
C GLN A 45 31.21 5.38 8.79
N ASP A 46 30.38 4.40 9.17
CA ASP A 46 30.59 2.99 8.77
C ASP A 46 29.70 2.57 7.60
N LEU A 47 28.50 3.13 7.59
CA LEU A 47 27.52 2.89 6.56
C LEU A 47 26.56 4.05 6.54
N ASP A 48 26.64 4.81 5.46
CA ASP A 48 25.71 5.90 5.20
C ASP A 48 24.48 5.33 4.50
N ILE A 49 23.37 5.27 5.21
CA ILE A 49 22.20 4.60 4.71
C ILE A 49 21.52 5.33 3.55
N THR A 50 21.89 6.59 3.30
CA THR A 50 21.29 7.37 2.21
C THR A 50 21.93 7.08 0.86
N ASN A 51 23.00 6.26 0.87
CA ASN A 51 23.74 5.92 -0.31
C ASN A 51 23.44 4.52 -0.80
N VAL A 52 22.75 4.42 -1.94
CA VAL A 52 22.18 3.14 -2.37
C VAL A 52 23.23 2.11 -2.70
N LEU A 53 24.27 2.53 -3.40
CA LEU A 53 25.29 1.61 -3.81
C LEU A 53 26.04 1.05 -2.60
N ALA A 54 26.37 1.92 -1.66
CA ALA A 54 27.07 1.53 -0.44
C ALA A 54 26.22 0.55 0.36
N VAL A 55 24.94 0.90 0.53
CA VAL A 55 24.02 0.01 1.25
C VAL A 55 23.89 -1.38 0.60
N ASN A 56 23.72 -1.42 -0.73
CA ASN A 56 23.64 -2.70 -1.44
C ASN A 56 24.87 -3.55 -1.26
N LYS A 57 26.03 -2.95 -1.40
CA LYS A 57 27.29 -3.67 -1.27
C LYS A 57 27.46 -4.25 0.12
N PHE A 58 27.14 -3.46 1.13
CA PHE A 58 27.27 -3.87 2.53
C PHE A 58 26.40 -5.11 2.80
N PHE A 59 25.13 -5.02 2.42
CA PHE A 59 24.24 -6.18 2.60
C PHE A 59 24.67 -7.42 1.83
N ASN A 60 25.11 -7.23 0.59
CA ASN A 60 25.55 -8.36 -0.23
C ASN A 60 26.78 -9.06 0.35
N GLU A 61 27.64 -8.29 1.00
CA GLU A 61 28.87 -8.84 1.61
C GLU A 61 28.61 -9.41 3.01
N LYS A 62 27.86 -8.68 3.85
CA LYS A 62 27.64 -9.09 5.23
C LYS A 62 26.48 -10.08 5.40
N LYS A 63 25.50 -10.01 4.51
CA LYS A 63 24.31 -10.84 4.58
C LYS A 63 23.66 -10.94 5.99
N PRO A 64 23.28 -9.83 6.58
CA PRO A 64 22.57 -9.90 7.87
C PRO A 64 21.26 -10.64 7.74
N ASN A 65 20.72 -11.10 8.87
CA ASN A 65 19.40 -11.71 8.89
C ASN A 65 18.30 -10.68 9.21
N VAL A 66 18.71 -9.62 9.90
CA VAL A 66 17.78 -8.55 10.36
C VAL A 66 18.57 -7.29 10.32
N VAL A 67 17.92 -6.21 9.86
CA VAL A 67 18.43 -4.88 10.04
C VAL A 67 17.45 -4.17 10.93
N ILE A 68 17.99 -3.50 11.96
CA ILE A 68 17.24 -2.60 12.79
C ILE A 68 17.69 -1.19 12.51
N ASN A 69 16.77 -0.37 12.00
CA ASN A 69 17.17 0.97 11.63
C ASN A 69 16.81 1.99 12.70
N CYS A 70 17.83 2.46 13.42
CA CYS A 70 17.68 3.47 14.48
C CYS A 70 18.17 4.83 14.04
N ALA A 71 18.65 4.93 12.80
CA ALA A 71 19.17 6.20 12.28
C ALA A 71 18.00 7.09 11.91
N ALA A 72 18.09 8.38 12.20
CA ALA A 72 17.09 9.33 11.79
C ALA A 72 17.63 10.73 11.92
N HIS A 73 16.97 11.69 11.27
CA HIS A 73 17.14 13.13 11.43
C HIS A 73 15.98 13.53 12.35
N THR A 74 16.29 13.62 13.64
CA THR A 74 15.31 13.82 14.68
C THR A 74 15.19 15.25 15.17
N ALA A 75 16.10 16.13 14.75
CA ALA A 75 15.94 17.56 15.00
C ALA A 75 14.68 18.06 14.26
N VAL A 76 13.57 18.11 14.99
CA VAL A 76 12.25 18.33 14.38
C VAL A 76 12.14 19.70 13.72
N ASP A 77 12.59 20.74 14.40
CA ASP A 77 12.50 22.10 13.84
C ASP A 77 13.45 22.24 12.67
N LYS A 78 14.65 21.68 12.78
CA LYS A 78 15.63 21.72 11.68
C LYS A 78 15.17 20.99 10.41
N CYS A 79 14.31 19.98 10.55
CA CYS A 79 13.75 19.30 9.36
C CYS A 79 12.97 20.24 8.46
N GLU A 80 12.32 21.24 9.05
CA GLU A 80 11.52 22.21 8.28
C GLU A 80 12.38 23.00 7.33
N GLU A 81 13.60 23.30 7.75
CA GLU A 81 14.56 24.04 6.90
C GLU A 81 15.52 23.14 6.13
N GLN A 82 15.58 21.86 6.49
CA GLN A 82 16.42 20.87 5.80
C GLN A 82 15.57 19.72 5.24
N TYR A 83 14.57 20.04 4.43
CA TYR A 83 13.59 19.06 3.92
C TYR A 83 14.26 17.98 3.07
N ASP A 84 15.21 18.35 2.21
CA ASP A 84 15.91 17.37 1.35
C ASP A 84 16.66 16.36 2.21
N LEU A 85 17.42 16.88 3.16
CA LEU A 85 18.17 16.05 4.06
C LEU A 85 17.27 15.16 4.91
N ALA A 86 16.16 15.70 5.41
CA ALA A 86 15.20 14.87 6.15
C ALA A 86 14.67 13.72 5.28
N TYR A 87 14.37 13.99 4.01
CA TYR A 87 13.88 12.97 3.10
C TYR A 87 14.96 11.91 2.89
N LYS A 88 16.21 12.35 2.71
CA LYS A 88 17.30 11.41 2.48
C LYS A 88 17.47 10.46 3.65
N ILE A 89 17.49 11.01 4.87
CA ILE A 89 17.74 10.20 6.04
C ILE A 89 16.49 9.47 6.50
N ASN A 90 15.36 10.17 6.53
CA ASN A 90 14.15 9.61 7.13
C ASN A 90 13.32 8.73 6.18
N ALA A 91 13.50 8.90 4.85
CA ALA A 91 12.74 8.12 3.87
C ALA A 91 13.58 7.27 2.96
N ILE A 92 14.58 7.88 2.31
CA ILE A 92 15.47 7.15 1.37
C ILE A 92 16.32 6.12 2.10
N GLY A 93 16.77 6.46 3.31
CA GLY A 93 17.52 5.50 4.10
C GLY A 93 16.78 4.20 4.34
N PRO A 94 15.59 4.29 4.93
CA PRO A 94 14.70 3.11 5.07
C PRO A 94 14.41 2.34 3.76
N LYS A 95 14.17 3.10 2.70
CA LYS A 95 13.98 2.53 1.35
C LYS A 95 15.17 1.68 0.99
N ASN A 96 16.36 2.27 1.12
CA ASN A 96 17.58 1.59 0.73
C ASN A 96 17.79 0.32 1.56
N LEU A 97 17.51 0.42 2.85
CA LEU A 97 17.73 -0.71 3.76
C LEU A 97 16.73 -1.82 3.56
N ALA A 98 15.49 -1.44 3.33
CA ALA A 98 14.41 -2.39 3.10
C ALA A 98 14.63 -3.25 1.85
N ALA A 99 15.02 -2.61 0.75
CA ALA A 99 15.28 -3.30 -0.50
C ALA A 99 16.54 -4.15 -0.45
N ALA A 100 17.59 -3.61 0.18
CA ALA A 100 18.87 -4.32 0.30
C ALA A 100 18.64 -5.54 1.18
N ALA A 101 17.91 -5.37 2.26
CA ALA A 101 17.48 -6.49 3.10
C ALA A 101 16.75 -7.53 2.29
N TYR A 102 15.69 -7.14 1.59
CA TYR A 102 14.96 -8.05 0.72
C TYR A 102 15.84 -8.89 -0.21
N SER A 103 16.83 -8.25 -0.82
CA SER A 103 17.73 -8.93 -1.73
C SER A 103 18.47 -10.06 -1.07
N VAL A 104 18.70 -10.00 0.24
CA VAL A 104 19.43 -11.09 0.94
C VAL A 104 18.54 -11.93 1.86
N GLY A 105 17.25 -11.71 1.78
CA GLY A 105 16.26 -12.43 2.58
C GLY A 105 16.14 -11.94 4.01
N ALA A 106 16.61 -10.72 4.28
CA ALA A 106 16.60 -10.18 5.63
C ALA A 106 15.31 -9.46 6.00
N GLU A 107 15.01 -9.47 7.30
CA GLU A 107 13.86 -8.74 7.91
C GLU A 107 14.33 -7.34 8.17
N ILE A 108 13.40 -6.40 8.25
CA ILE A 108 13.76 -5.07 8.58
C ILE A 108 12.86 -4.53 9.69
N VAL A 109 13.49 -3.97 10.74
CA VAL A 109 12.76 -3.19 11.73
C VAL A 109 13.04 -1.74 11.42
N GLN A 110 11.97 -0.98 11.29
CA GLN A 110 12.05 0.48 11.07
C GLN A 110 11.36 1.22 12.24
N ILE A 111 12.13 2.05 12.91
CA ILE A 111 11.60 2.78 14.01
C ILE A 111 11.01 4.10 13.49
N SER A 112 9.80 4.40 13.96
CA SER A 112 9.07 5.54 13.48
C SER A 112 8.48 6.33 14.67
N THR A 113 7.48 7.17 14.38
CA THR A 113 7.12 8.29 15.24
C THR A 113 5.61 8.55 15.32
N ASP A 114 5.21 9.03 16.48
CA ASP A 114 3.86 9.63 16.69
C ASP A 114 3.61 10.89 15.87
N TYR A 115 4.64 11.51 15.32
CA TYR A 115 4.45 12.67 14.43
C TYR A 115 3.83 12.31 13.07
N VAL A 116 3.56 11.03 12.80
CA VAL A 116 2.78 10.67 11.62
C VAL A 116 1.32 11.06 11.76
N PHE A 117 0.89 11.35 12.97
CA PHE A 117 -0.50 11.76 13.26
C PHE A 117 -0.57 13.28 13.40
N ASP A 118 -1.77 13.85 13.27
CA ASP A 118 -1.91 15.31 13.26
C ASP A 118 -2.06 15.97 14.64
N GLY A 119 -2.24 15.16 15.69
CA GLY A 119 -2.36 15.70 17.05
C GLY A 119 -3.74 16.17 17.43
N GLU A 120 -4.71 15.93 16.59
CA GLU A 120 -6.08 16.37 16.87
C GLU A 120 -6.88 15.27 17.51
N ALA A 121 -6.30 14.08 17.73
CA ALA A 121 -6.98 12.99 18.44
C ALA A 121 -7.41 13.35 19.84
N LYS A 122 -8.40 12.66 20.35
CA LYS A 122 -8.93 12.92 21.68
C LYS A 122 -8.81 11.70 22.58
N GLU A 123 -8.34 10.59 22.02
CA GLU A 123 -8.09 9.37 22.79
C GLU A 123 -6.89 8.60 22.23
N PRO A 124 -6.32 7.66 23.02
CA PRO A 124 -5.13 6.92 22.59
C PRO A 124 -5.24 6.34 21.15
N ILE A 125 -4.19 6.61 20.36
CA ILE A 125 -4.25 6.43 18.92
C ILE A 125 -3.74 5.05 18.63
N THR A 126 -4.51 4.28 17.85
CA THR A 126 -4.09 2.93 17.46
C THR A 126 -3.44 2.88 16.10
N GLU A 127 -2.80 1.76 15.83
CA GLU A 127 -2.14 1.53 14.56
C GLU A 127 -3.11 1.53 13.36
N PHE A 128 -4.41 1.46 13.61
CA PHE A 128 -5.41 1.42 12.56
C PHE A 128 -6.04 2.80 12.30
N ASP A 129 -5.62 3.81 13.05
CA ASP A 129 -6.06 5.15 12.85
C ASP A 129 -5.33 5.82 11.68
N GLU A 130 -5.93 6.86 11.11
CA GLU A 130 -5.32 7.46 9.94
C GLU A 130 -4.23 8.51 10.21
N VAL A 131 -3.16 8.38 9.43
CA VAL A 131 -2.01 9.24 9.53
C VAL A 131 -2.31 10.55 8.83
N ASN A 132 -1.66 11.61 9.25
CA ASN A 132 -1.90 12.95 8.71
C ASN A 132 -0.81 13.95 9.20
N PRO A 133 0.45 13.68 8.85
CA PRO A 133 1.56 14.44 9.37
C PRO A 133 1.46 15.90 9.00
N GLN A 134 1.76 16.78 9.95
CA GLN A 134 1.71 18.21 9.78
C GLN A 134 3.09 18.83 9.88
N SER A 135 4.12 18.00 9.92
CA SER A 135 5.49 18.49 9.98
C SER A 135 6.35 17.82 8.93
N ALA A 136 7.48 18.44 8.57
CA ALA A 136 8.51 17.76 7.71
C ALA A 136 9.04 16.48 8.33
N TYR A 137 9.33 16.54 9.61
CA TYR A 137 9.78 15.35 10.30
C TYR A 137 8.75 14.24 10.15
N GLY A 138 7.48 14.53 10.45
CA GLY A 138 6.46 13.50 10.36
C GLY A 138 6.25 12.97 8.95
N LYS A 139 6.26 13.88 7.99
CA LYS A 139 5.99 13.53 6.60
C LYS A 139 7.08 12.62 6.05
N THR A 140 8.33 12.99 6.34
CA THR A 140 9.50 12.19 5.88
C THR A 140 9.62 10.84 6.56
N LYS A 141 9.32 10.77 7.85
CA LYS A 141 9.28 9.49 8.56
C LYS A 141 8.15 8.63 8.00
N LEU A 142 7.00 9.23 7.72
CA LEU A 142 5.89 8.45 7.12
C LEU A 142 6.26 7.83 5.77
N GLU A 143 6.89 8.61 4.91
CA GLU A 143 7.30 8.10 3.63
C GLU A 143 8.31 6.98 3.80
N GLY A 144 9.13 7.09 4.82
CA GLY A 144 10.06 5.98 5.20
C GLY A 144 9.26 4.72 5.48
N GLU A 145 8.18 4.83 6.27
CA GLU A 145 7.31 3.67 6.56
C GLU A 145 6.76 3.07 5.28
N ASN A 146 6.27 3.93 4.40
CA ASN A 146 5.64 3.48 3.18
C ASN A 146 6.59 2.71 2.30
N PHE A 147 7.81 3.19 2.22
CA PHE A 147 8.86 2.48 1.43
C PHE A 147 9.20 1.13 2.01
N VAL A 148 9.39 1.06 3.33
CA VAL A 148 9.77 -0.19 3.99
C VAL A 148 8.72 -1.29 3.67
N LYS A 149 7.44 -0.98 3.85
CA LYS A 149 6.42 -1.93 3.62
C LYS A 149 6.32 -2.32 2.14
N ALA A 150 6.61 -1.39 1.25
CA ALA A 150 6.46 -1.66 -0.19
C ALA A 150 7.57 -2.54 -0.68
N LEU A 151 8.75 -2.38 -0.10
CA LEU A 151 9.94 -3.05 -0.60
C LEU A 151 10.39 -4.34 0.10
N ASN A 152 9.75 -4.69 1.22
CA ASN A 152 10.11 -5.86 2.01
C ASN A 152 8.89 -6.39 2.81
N PRO A 153 8.34 -7.55 2.43
CA PRO A 153 7.23 -8.17 3.19
C PRO A 153 7.52 -8.63 4.62
N LYS A 154 8.80 -8.87 4.96
CA LYS A 154 9.27 -9.15 6.32
C LYS A 154 9.65 -7.85 7.01
N TYR A 155 8.62 -7.04 7.37
CA TYR A 155 8.84 -5.78 8.00
C TYR A 155 8.20 -5.69 9.39
N TYR A 156 8.81 -4.82 10.21
CA TYR A 156 8.25 -4.39 11.49
C TYR A 156 8.42 -2.88 11.53
N ILE A 157 7.32 -2.17 11.69
CA ILE A 157 7.39 -0.71 11.91
C ILE A 157 6.98 -0.51 13.34
N VAL A 158 7.86 0.14 14.12
CA VAL A 158 7.62 0.36 15.54
C VAL A 158 7.64 1.88 15.82
N ARG A 159 6.46 2.46 16.02
CA ARG A 159 6.32 3.88 16.28
C ARG A 159 6.53 4.17 17.74
N THR A 160 7.38 5.13 18.05
CA THR A 160 7.58 5.51 19.41
C THR A 160 7.49 7.04 19.61
N ALA A 161 7.71 7.51 20.84
CA ALA A 161 7.53 8.94 21.16
C ALA A 161 8.22 9.28 22.45
N TRP A 162 8.57 10.56 22.60
CA TRP A 162 9.03 11.13 23.88
C TRP A 162 10.12 10.23 24.44
N LEU A 163 11.11 9.95 23.62
CA LEU A 163 12.05 8.88 23.92
C LEU A 163 13.31 9.34 24.68
N TYR A 164 13.67 8.63 25.74
CA TYR A 164 14.86 8.98 26.52
C TYR A 164 15.68 7.73 26.73
N GLY A 165 16.97 7.97 26.84
CA GLY A 165 17.95 6.90 27.08
C GLY A 165 19.36 7.48 27.06
N ASP A 166 20.29 6.71 26.54
CA ASP A 166 21.69 7.02 26.53
C ASP A 166 22.04 8.03 25.40
N GLY A 167 21.67 9.30 25.63
CA GLY A 167 21.93 10.35 24.67
C GLY A 167 21.21 11.58 25.18
N ASN A 168 21.13 12.61 24.35
CA ASN A 168 20.44 13.83 24.70
C ASN A 168 18.94 13.60 24.70
N ASN A 169 18.21 14.23 25.62
CA ASN A 169 16.80 14.05 25.75
C ASN A 169 16.21 15.01 26.78
N PHE A 170 14.90 14.96 26.93
CA PHE A 170 14.18 15.92 27.76
C PHE A 170 14.52 15.78 29.22
N VAL A 171 14.83 14.54 29.63
CA VAL A 171 15.19 14.29 31.02
C VAL A 171 16.48 15.04 31.37
N LYS A 172 17.53 14.80 30.58
CA LYS A 172 18.81 15.47 30.77
C LYS A 172 18.69 17.00 30.67
N THR A 173 17.93 17.46 29.69
CA THR A 173 17.66 18.88 29.52
C THR A 173 17.02 19.53 30.75
N ILE A 175 16.97 18.36 33.82
CA ILE A 175 17.95 18.27 34.92
C ILE A 175 18.91 19.40 34.85
N ASN A 176 19.46 19.67 33.67
CA ASN A 176 20.42 20.78 33.54
C ASN A 176 19.79 22.12 33.77
N LEU A 177 18.65 22.34 33.16
CA LEU A 177 17.98 23.61 33.33
C LEU A 177 17.59 23.84 34.80
N GLY A 178 17.17 22.76 35.44
CA GLY A 178 16.65 22.80 36.78
C GLY A 178 17.73 23.12 37.77
N LYS A 179 18.97 22.72 37.48
CA LYS A 179 20.11 23.02 38.35
C LYS A 179 20.58 24.46 38.22
N THR A 180 20.28 25.11 37.09
CA THR A 180 20.75 26.46 36.78
C THR A 180 19.64 27.50 36.82
N HIS A 181 18.43 27.08 37.19
CA HIS A 181 17.26 27.96 37.20
C HIS A 181 16.39 27.73 38.42
N ASP A 182 15.74 28.79 38.86
CA ASP A 182 14.87 28.76 40.04
C ASP A 182 13.42 28.44 39.64
N GLU A 183 13.06 28.84 38.43
CA GLU A 183 11.80 28.40 37.85
C GLU A 183 11.86 28.18 36.35
N LEU A 184 10.95 27.30 35.89
CA LEU A 184 10.84 26.93 34.49
C LEU A 184 9.38 26.97 34.09
N LYS A 185 9.15 27.26 32.81
CA LYS A 185 7.85 27.10 32.15
C LYS A 185 7.94 25.90 31.22
N VAL A 186 6.99 24.97 31.38
CA VAL A 186 6.92 23.76 30.54
C VAL A 186 5.49 23.58 30.02
N VAL A 187 5.34 23.25 28.74
CA VAL A 187 4.00 23.12 28.14
C VAL A 187 3.17 22.05 28.78
N HIS A 188 1.95 22.43 29.13
CA HIS A 188 0.96 21.52 29.72
C HIS A 188 -0.19 21.13 28.72
N ASP A 189 -0.17 21.74 27.54
CA ASP A 189 -1.20 21.49 26.53
C ASP A 189 -0.73 20.55 25.43
N GLN A 190 0.36 19.82 25.65
CA GLN A 190 0.77 18.76 24.73
C GLN A 190 0.94 17.49 25.56
N VAL A 191 0.27 16.41 25.17
CA VAL A 191 0.24 15.21 25.97
C VAL A 191 0.65 13.99 25.14
N GLY A 192 1.22 13.03 25.84
CA GLY A 192 1.78 11.84 25.21
C GLY A 192 2.20 10.97 26.37
N THR A 193 3.22 10.16 26.17
CA THR A 193 3.75 9.31 27.20
C THR A 193 5.26 9.21 27.05
N PRO A 194 6.02 9.57 28.11
CA PRO A 194 7.48 9.40 28.15
C PRO A 194 7.83 7.96 27.96
N THR A 195 8.86 7.65 27.14
CA THR A 195 9.20 6.30 26.82
C THR A 195 10.67 6.07 26.94
N SER A 196 11.00 5.03 27.70
CA SER A 196 12.42 4.66 27.94
C SER A 196 12.84 3.77 26.81
N THR A 197 14.11 3.87 26.39
CA THR A 197 14.63 2.93 25.39
C THR A 197 14.68 1.49 25.87
N VAL A 198 14.67 1.31 27.18
CA VAL A 198 14.74 -0.05 27.73
C VAL A 198 13.50 -0.79 27.30
N ASP A 199 12.33 -0.14 27.44
CA ASP A 199 11.05 -0.77 27.08
C ASP A 199 10.89 -0.92 25.55
N LEU A 200 11.36 0.09 24.80
CA LEU A 200 11.29 0.07 23.36
C LEU A 200 12.13 -1.06 22.81
N ALA A 201 13.32 -1.19 23.34
CA ALA A 201 14.24 -2.23 22.88
C ALA A 201 13.77 -3.65 23.18
N ARG A 202 13.14 -3.85 24.34
CA ARG A 202 12.54 -5.12 24.68
C ARG A 202 11.46 -5.45 23.69
N VAL A 203 10.64 -4.48 23.33
CA VAL A 203 9.58 -4.74 22.38
C VAL A 203 10.14 -5.08 20.98
N VAL A 204 11.09 -4.29 20.52
CA VAL A 204 11.74 -4.52 19.25
C VAL A 204 12.24 -5.92 19.20
N LEU A 205 12.95 -6.35 20.23
CA LEU A 205 13.57 -7.70 20.18
C LEU A 205 12.55 -8.81 20.38
N LYS A 206 11.47 -8.52 21.11
CA LYS A 206 10.34 -9.45 21.25
C LYS A 206 9.63 -9.78 19.90
N VAL A 207 9.22 -8.75 19.17
CA VAL A 207 8.52 -8.99 17.90
C VAL A 207 9.40 -9.72 16.90
N ILE A 208 10.68 -9.40 16.83
CA ILE A 208 11.61 -10.16 15.97
C ILE A 208 11.63 -11.63 16.34
N ASP A 209 11.74 -11.88 17.61
CA ASP A 209 11.78 -13.22 18.12
C ASP A 209 10.55 -14.03 17.74
N GLU A 210 9.38 -13.39 17.78
CA GLU A 210 8.09 -14.02 17.46
C GLU A 210 7.77 -14.10 15.97
N LYS A 211 8.53 -13.38 15.15
CA LYS A 211 8.16 -13.04 13.77
C LYS A 211 6.75 -12.45 13.64
N ASN A 212 6.49 -11.49 14.54
CA ASN A 212 5.19 -10.83 14.69
C ASN A 212 5.28 -9.55 13.85
N TYR A 213 5.13 -9.73 12.54
CA TYR A 213 5.38 -8.66 11.57
C TYR A 213 4.24 -7.67 11.60
N GLY A 214 4.52 -6.46 11.14
CA GLY A 214 3.49 -5.46 11.04
C GLY A 214 3.91 -4.13 11.63
N THR A 215 2.91 -3.31 11.90
CA THR A 215 3.11 -2.01 12.48
C THR A 215 2.65 -1.99 13.92
N PHE A 216 3.54 -1.54 14.81
CA PHE A 216 3.27 -1.49 16.25
C PHE A 216 3.52 -0.10 16.80
N HIS A 217 2.66 0.35 17.68
CA HIS A 217 2.96 1.45 18.60
C HIS A 217 3.66 0.91 19.84
N CYS A 218 4.67 1.64 20.30
CA CYS A 218 5.44 1.25 21.48
C CYS A 218 5.89 2.48 22.25
N THR A 219 4.98 2.99 23.10
CA THR A 219 5.33 3.88 24.17
C THR A 219 5.02 3.19 25.54
N CYS A 220 5.54 3.80 26.60
CA CYS A 220 5.26 3.33 27.93
C CYS A 220 3.77 3.48 28.25
N LYS A 221 3.29 2.78 29.28
CA LYS A 221 1.87 2.88 29.66
C LYS A 221 1.58 4.20 30.33
N GLY A 222 0.34 4.67 30.19
CA GLY A 222 -0.06 5.90 30.83
C GLY A 222 -0.07 7.10 29.89
N ILE A 223 -0.26 8.27 30.48
CA ILE A 223 -0.44 9.53 29.76
C ILE A 223 -0.09 10.71 30.66
N CYS A 224 0.63 11.70 30.12
CA CYS A 224 0.86 12.97 30.79
C CYS A 224 1.24 14.07 29.81
N SER A 225 1.32 15.30 30.31
CA SER A 225 1.89 16.42 29.56
C SER A 225 3.38 16.52 29.80
N TRP A 226 4.07 17.34 29.00
CA TRP A 226 5.51 17.65 29.25
C TRP A 226 5.72 18.26 30.63
N TYR A 227 4.77 19.10 31.05
CA TYR A 227 4.77 19.69 32.38
C TYR A 227 4.78 18.57 33.47
N ASP A 228 3.88 17.62 33.36
CA ASP A 228 3.81 16.53 34.31
C ASP A 228 5.13 15.72 34.30
N PHE A 229 5.70 15.56 33.13
CA PHE A 229 6.97 14.82 32.95
C PHE A 229 8.07 15.55 33.74
N ALA A 230 8.15 16.88 33.57
CA ALA A 230 9.14 17.71 34.28
C ALA A 230 8.94 17.64 35.79
N VAL A 231 7.71 17.77 36.25
CA VAL A 231 7.40 17.73 37.67
C VAL A 231 7.84 16.39 38.28
N GLU A 232 7.65 15.29 37.57
CA GLU A 232 8.08 14.00 38.08
C GLU A 232 9.59 13.89 38.07
N ILE A 233 10.24 14.40 37.02
CA ILE A 233 11.72 14.40 36.96
C ILE A 233 12.33 15.09 38.20
N PHE A 234 11.80 16.27 38.52
CA PHE A 234 12.30 17.04 39.67
C PHE A 234 11.92 16.43 41.04
N ARG A 235 10.74 15.82 41.12
CA ARG A 235 10.40 15.01 42.28
C ARG A 235 11.38 13.87 42.52
N LEU A 236 11.74 13.17 41.46
CA LEU A 236 12.65 12.03 41.57
C LEU A 236 14.10 12.43 41.88
N THR A 237 14.55 13.55 41.33
CA THR A 237 15.98 13.96 41.49
C THR A 237 16.18 14.77 42.78
N GLY A 238 15.09 15.38 43.25
CA GLY A 238 15.11 16.20 44.44
C GLY A 238 15.43 17.65 44.16
N ILE A 239 15.55 17.98 42.88
CA ILE A 239 15.98 19.30 42.45
C ILE A 239 14.88 20.32 42.79
N ASP A 240 15.28 21.39 43.42
CA ASP A 240 14.34 22.38 43.87
C ASP A 240 14.19 23.47 42.79
N VAL A 241 13.10 23.35 42.06
CA VAL A 241 12.80 24.27 40.99
C VAL A 241 11.28 24.34 40.95
N LYS A 242 10.74 25.52 40.73
CA LYS A 242 9.30 25.69 40.57
C LYS A 242 8.96 25.58 39.09
N VAL A 243 8.17 24.57 38.72
CA VAL A 243 7.73 24.42 37.35
C VAL A 243 6.35 25.02 37.24
N THR A 244 6.17 25.83 36.20
CA THR A 244 4.92 26.50 35.88
C THR A 244 4.39 25.91 34.56
N PRO A 245 3.12 25.52 34.53
CA PRO A 245 2.52 25.04 33.29
C PRO A 245 2.27 26.19 32.35
N CYS A 246 2.58 26.02 31.07
CA CYS A 246 2.26 27.05 30.08
C CYS A 246 1.60 26.44 28.84
N THR A 247 1.31 27.28 27.86
CA THR A 247 0.74 26.86 26.60
C THR A 247 1.77 26.88 25.50
N THR A 248 1.41 26.23 24.41
CA THR A 248 2.23 26.12 23.21
C THR A 248 2.43 27.47 22.53
N GLU A 249 1.40 28.33 22.59
CA GLU A 249 1.43 29.65 21.93
C GLU A 249 2.47 30.58 22.52
N GLU A 250 2.74 30.39 23.79
CA GLU A 250 3.68 31.22 24.53
C GLU A 250 5.13 31.12 24.03
N PHE A 251 5.52 29.97 23.47
CA PHE A 251 6.92 29.74 23.09
C PHE A 251 7.03 29.01 21.73
N PRO A 252 6.77 29.73 20.64
CA PRO A 252 6.55 29.14 19.31
C PRO A 252 7.80 28.56 18.63
N ARG A 253 7.60 27.52 17.83
CA ARG A 253 8.70 26.84 17.13
C ARG A 253 8.37 26.61 15.66
N PRO A 254 9.40 26.45 14.82
CA PRO A 254 9.21 26.21 13.36
C PRO A 254 8.33 25.01 12.97
N ALA A 255 8.42 23.92 13.74
CA ALA A 255 7.62 22.72 13.46
C ALA A 255 6.33 22.66 14.31
N LYS A 256 5.20 22.33 13.65
CA LYS A 256 3.93 22.04 14.34
C LYS A 256 4.09 20.77 15.18
N ARG A 257 3.76 20.89 16.47
CA ARG A 257 3.74 19.76 17.42
C ARG A 257 2.33 19.36 17.78
N PRO A 258 2.08 18.07 17.93
CA PRO A 258 0.75 17.58 18.13
C PRO A 258 0.27 17.97 19.52
N LYS A 259 -0.99 18.36 19.66
CA LYS A 259 -1.54 18.61 20.97
C LYS A 259 -1.66 17.31 21.77
N TYR A 260 -2.04 16.24 21.09
CA TYR A 260 -2.37 14.98 21.69
C TYR A 260 -1.73 13.87 20.86
N SER A 261 -0.69 13.25 21.40
CA SER A 261 0.02 12.20 20.71
C SER A 261 0.18 10.94 21.54
N VAL A 262 -0.85 10.60 22.33
CA VAL A 262 -0.84 9.38 23.10
C VAL A 262 -1.08 8.23 22.13
N LEU A 263 -0.12 7.29 22.05
CA LEU A 263 -0.30 6.12 21.26
C LEU A 263 -0.75 4.97 22.10
N ARG A 264 -1.80 4.29 21.69
CA ARG A 264 -2.16 3.05 22.32
C ARG A 264 -1.28 1.95 21.71
N ASN A 265 -0.75 1.08 22.54
CA ASN A 265 0.01 -0.05 22.10
C ASN A 265 -0.95 -1.20 21.80
N TYR A 266 -1.85 -0.96 20.85
CA TYR A 266 -3.00 -1.85 20.54
C TYR A 266 -2.60 -3.18 19.90
N LEU A 268 0.22 -4.74 20.24
CA LEU A 268 0.78 -5.56 21.31
C LEU A 268 -0.30 -6.20 22.17
N GLU A 269 -1.28 -5.39 22.58
CA GLU A 269 -2.43 -5.88 23.34
C GLU A 269 -3.21 -6.98 22.62
N LEU A 270 -3.36 -6.83 21.31
CA LEU A 270 -4.13 -7.78 20.53
C LEU A 270 -3.34 -9.04 20.14
N THR A 271 -2.02 -9.02 20.33
CA THR A 271 -1.17 -10.14 19.91
C THR A 271 -0.47 -10.77 21.10
N THR A 272 0.82 -10.50 21.33
CA THR A 272 1.58 -11.22 22.33
C THR A 272 1.84 -10.44 23.59
N GLY A 273 1.19 -9.29 23.76
CA GLY A 273 1.19 -8.60 25.04
C GLY A 273 1.97 -7.30 25.12
N ASP A 274 1.34 -6.29 25.71
CA ASP A 274 1.99 -5.00 25.95
C ASP A 274 2.91 -5.08 27.18
N ILE A 275 4.16 -5.43 26.93
CA ILE A 275 5.15 -5.56 27.98
C ILE A 275 5.77 -4.27 28.46
N THR A 276 5.37 -3.12 27.93
CA THR A 276 5.92 -1.86 28.42
C THR A 276 5.44 -1.60 29.84
N ARG A 277 6.18 -0.76 30.55
CA ARG A 277 5.84 -0.45 31.91
C ARG A 277 5.20 0.91 31.97
N GLU A 278 4.58 1.18 33.10
CA GLU A 278 4.04 2.51 33.42
C GLU A 278 5.19 3.51 33.35
N TRP A 279 4.89 4.70 32.82
CA TRP A 279 5.93 5.62 32.49
C TRP A 279 6.74 6.04 33.70
N LYS A 280 6.10 6.18 34.85
CA LYS A 280 6.84 6.61 36.06
C LYS A 280 7.83 5.57 36.56
N GLU A 281 7.50 4.32 36.37
CA GLU A 281 8.40 3.22 36.74
C GLU A 281 9.67 3.18 35.86
N SER A 282 9.48 3.30 34.54
CA SER A 282 10.55 3.35 33.62
C SER A 282 11.45 4.54 33.90
N LEU A 283 10.82 5.66 34.18
CA LEU A 283 11.52 6.92 34.39
C LEU A 283 12.35 6.84 35.68
N LYS A 284 11.76 6.32 36.75
CA LYS A 284 12.52 6.13 38.00
C LYS A 284 13.75 5.25 37.77
N GLU A 285 13.61 4.17 37.02
CA GLU A 285 14.75 3.27 36.75
C GLU A 285 15.86 4.04 36.04
N TYR A 286 15.46 4.93 35.14
CA TYR A 286 16.40 5.71 34.35
C TYR A 286 17.13 6.74 35.19
N ILE A 287 16.40 7.50 35.97
CA ILE A 287 16.97 8.49 36.86
C ILE A 287 17.95 7.82 37.84
N ASP A 288 17.59 6.64 38.37
CA ASP A 288 18.46 5.90 39.25
C ASP A 288 19.78 5.56 38.56
N LEU A 289 19.72 5.07 37.33
CA LEU A 289 20.89 4.81 36.51
C LEU A 289 21.76 6.04 36.35
N LEU A 290 21.13 7.17 36.08
CA LEU A 290 21.83 8.44 35.91
C LEU A 290 22.56 8.90 37.14
N GLN A 291 21.92 8.76 38.31
CA GLN A 291 22.54 9.13 39.60
C GLN A 291 23.27 7.97 40.25
N LYS B 14 -0.77 -28.75 -1.72
CA LYS B 14 -1.22 -28.88 -0.36
C LYS B 14 -1.94 -27.60 0.01
N ILE B 15 -3.24 -27.70 0.29
CA ILE B 15 -4.11 -26.55 0.55
C ILE B 15 -4.62 -26.57 2.00
N LEU B 16 -4.19 -25.58 2.77
CA LEU B 16 -4.75 -25.33 4.08
C LEU B 16 -5.98 -24.48 4.01
N ILE B 17 -7.07 -24.95 4.61
CA ILE B 17 -8.27 -24.13 4.75
C ILE B 17 -8.46 -23.79 6.23
N THR B 18 -8.59 -22.49 6.55
CA THR B 18 -8.93 -22.09 7.89
C THR B 18 -10.40 -21.63 7.93
N GLY B 19 -11.05 -21.84 9.06
CA GLY B 19 -12.52 -21.67 9.16
C GLY B 19 -13.26 -22.69 8.29
N ALA B 20 -12.71 -23.91 8.22
CA ALA B 20 -13.10 -24.91 7.25
C ALA B 20 -14.47 -25.51 7.51
N ASN B 21 -14.95 -25.39 8.73
CA ASN B 21 -16.31 -25.88 9.07
C ASN B 21 -17.41 -24.88 8.75
N GLY B 22 -17.03 -23.66 8.35
CA GLY B 22 -18.03 -22.66 7.96
C GLY B 22 -18.68 -22.95 6.61
N GLN B 23 -19.58 -22.07 6.16
CA GLN B 23 -20.25 -22.26 4.88
C GLN B 23 -19.29 -22.43 3.70
N LEU B 24 -18.42 -21.45 3.52
CA LEU B 24 -17.55 -21.50 2.40
C LEU B 24 -16.51 -22.61 2.55
N GLY B 25 -15.95 -22.75 3.74
CA GLY B 25 -14.95 -23.84 4.00
C GLY B 25 -15.45 -25.21 3.60
N ARG B 26 -16.71 -25.48 3.95
CA ARG B 26 -17.34 -26.74 3.58
C ARG B 26 -17.51 -26.92 2.07
N GLU B 27 -17.89 -25.85 1.39
CA GLU B 27 -18.12 -25.93 -0.04
C GLU B 27 -16.80 -26.09 -0.75
N ILE B 28 -15.75 -25.44 -0.28
CA ILE B 28 -14.43 -25.66 -0.91
C ILE B 28 -13.95 -27.08 -0.73
N GLN B 29 -14.10 -27.63 0.46
CA GLN B 29 -13.73 -29.04 0.66
C GLN B 29 -14.48 -29.95 -0.31
N LYS B 30 -15.76 -29.68 -0.49
CA LYS B 30 -16.61 -30.44 -1.39
C LYS B 30 -16.19 -30.33 -2.85
N GLN B 31 -15.88 -29.11 -3.32
CA GLN B 31 -15.43 -28.95 -4.69
C GLN B 31 -14.03 -29.52 -4.91
N LEU B 32 -13.24 -29.68 -3.88
CA LEU B 32 -11.89 -30.25 -4.00
C LEU B 32 -11.85 -31.77 -3.85
N LYS B 33 -12.93 -32.39 -3.42
CA LYS B 33 -12.95 -33.85 -3.30
C LYS B 33 -12.62 -34.49 -4.66
N GLY B 34 -11.72 -35.49 -4.64
CA GLY B 34 -11.32 -36.21 -5.85
C GLY B 34 -10.32 -35.50 -6.75
N LYS B 35 -10.06 -34.22 -6.49
CA LYS B 35 -9.02 -33.51 -7.22
C LYS B 35 -7.66 -34.00 -6.72
N ASN B 36 -6.61 -33.66 -7.46
CA ASN B 36 -5.26 -34.09 -7.11
C ASN B 36 -4.60 -33.06 -6.16
N VAL B 37 -5.21 -32.92 -4.99
CA VAL B 37 -4.76 -31.99 -3.97
C VAL B 37 -4.90 -32.63 -2.59
N GLU B 38 -3.96 -32.32 -1.71
CA GLU B 38 -4.08 -32.66 -0.32
C GLU B 38 -4.68 -31.48 0.44
N VAL B 39 -5.89 -31.66 0.96
CA VAL B 39 -6.60 -30.62 1.71
C VAL B 39 -6.41 -30.81 3.21
N ILE B 40 -6.05 -29.73 3.89
CA ILE B 40 -5.88 -29.73 5.36
C ILE B 40 -6.91 -28.77 5.95
N PRO B 41 -8.06 -29.28 6.36
CA PRO B 41 -9.11 -28.43 6.91
C PRO B 41 -8.89 -28.20 8.40
N THR B 42 -8.93 -26.95 8.81
CA THR B 42 -8.75 -26.59 10.22
C THR B 42 -9.83 -25.62 10.58
N ASP B 43 -10.26 -25.74 11.82
CA ASP B 43 -11.01 -24.66 12.44
C ASP B 43 -10.30 -24.32 13.78
N VAL B 44 -10.96 -23.53 14.60
CA VAL B 44 -10.28 -22.90 15.74
C VAL B 44 -9.58 -23.86 16.73
N GLN B 45 -10.20 -25.01 16.93
CA GLN B 45 -9.64 -26.03 17.81
C GLN B 45 -8.35 -26.68 17.27
N ASP B 46 -8.15 -26.65 15.96
CA ASP B 46 -6.97 -27.26 15.30
C ASP B 46 -5.91 -26.17 15.10
N LEU B 47 -6.37 -24.98 14.72
CA LEU B 47 -5.46 -23.88 14.50
C LEU B 47 -6.19 -22.60 14.76
N ASP B 48 -5.75 -21.95 15.83
CA ASP B 48 -6.26 -20.63 16.20
C ASP B 48 -5.48 -19.52 15.48
N ILE B 49 -6.04 -19.00 14.42
CA ILE B 49 -5.30 -18.10 13.54
C ILE B 49 -4.89 -16.77 14.22
N THR B 50 -5.40 -16.49 15.41
CA THR B 50 -5.03 -15.24 16.13
C THR B 50 -3.76 -15.38 16.92
N ASN B 51 -3.19 -16.60 16.94
CA ASN B 51 -2.05 -16.88 17.73
C ASN B 51 -0.83 -17.03 16.81
N VAL B 52 0.08 -16.07 16.87
CA VAL B 52 1.14 -15.97 15.91
C VAL B 52 2.08 -17.14 16.02
N LEU B 53 2.42 -17.55 17.23
CA LEU B 53 3.40 -18.63 17.40
C LEU B 53 2.85 -19.95 16.91
N ALA B 54 1.58 -20.18 17.18
CA ALA B 54 0.92 -21.39 16.73
C ALA B 54 0.83 -21.48 15.18
N VAL B 55 0.50 -20.36 14.58
CA VAL B 55 0.40 -20.26 13.13
C VAL B 55 1.75 -20.46 12.49
N ASN B 56 2.76 -19.78 12.99
CA ASN B 56 4.13 -19.95 12.42
C ASN B 56 4.59 -21.39 12.47
N LYS B 57 4.39 -22.03 13.61
CA LYS B 57 4.81 -23.44 13.76
C LYS B 57 4.06 -24.36 12.77
N PHE B 58 2.75 -24.16 12.65
CA PHE B 58 1.91 -24.99 11.79
C PHE B 58 2.37 -24.89 10.32
N PHE B 59 2.57 -23.67 9.85
CA PHE B 59 3.06 -23.48 8.49
C PHE B 59 4.46 -24.02 8.28
N ASN B 60 5.33 -23.85 9.27
CA ASN B 60 6.72 -24.34 9.12
C ASN B 60 6.77 -25.87 9.07
N GLU B 61 5.83 -26.54 9.77
CA GLU B 61 5.76 -28.01 9.82
C GLU B 61 5.00 -28.59 8.64
N LYS B 62 3.84 -28.03 8.30
CA LYS B 62 2.99 -28.52 7.19
C LYS B 62 3.38 -28.01 5.80
N LYS B 63 3.98 -26.84 5.73
CA LYS B 63 4.40 -26.25 4.46
C LYS B 63 3.34 -26.38 3.36
N PRO B 64 2.14 -25.79 3.57
CA PRO B 64 1.14 -25.73 2.51
C PRO B 64 1.63 -24.88 1.35
N ASN B 65 1.02 -25.10 0.17
CA ASN B 65 1.28 -24.31 -1.01
C ASN B 65 0.34 -23.13 -1.08
N VAL B 66 -0.85 -23.25 -0.47
CA VAL B 66 -1.90 -22.24 -0.47
C VAL B 66 -2.58 -22.30 0.87
N VAL B 67 -2.92 -21.13 1.42
CA VAL B 67 -3.88 -21.07 2.51
C VAL B 67 -5.09 -20.32 2.02
N ILE B 68 -6.28 -20.90 2.28
CA ILE B 68 -7.56 -20.20 2.03
C ILE B 68 -8.21 -19.89 3.36
N ASN B 69 -8.39 -18.61 3.65
CA ASN B 69 -8.83 -18.19 4.97
C ASN B 69 -10.30 -17.88 4.93
N CYS B 70 -11.12 -18.79 5.47
CA CYS B 70 -12.58 -18.62 5.53
C CYS B 70 -13.05 -18.32 6.92
N ALA B 71 -12.11 -18.19 7.86
CA ALA B 71 -12.39 -17.83 9.25
C ALA B 71 -12.72 -16.36 9.39
N ALA B 72 -13.75 -16.06 10.17
CA ALA B 72 -14.12 -14.69 10.44
C ALA B 72 -15.07 -14.59 11.64
N HIS B 73 -15.09 -13.40 12.25
CA HIS B 73 -16.08 -13.02 13.24
C HIS B 73 -17.15 -12.28 12.42
N THR B 74 -18.19 -13.02 12.00
CA THR B 74 -19.23 -12.52 11.07
C THR B 74 -20.52 -12.05 11.75
N ALA B 75 -20.63 -12.23 13.07
CA ALA B 75 -21.72 -11.56 13.79
C ALA B 75 -21.53 -10.03 13.75
N VAL B 76 -22.23 -9.36 12.83
CA VAL B 76 -21.96 -7.95 12.51
C VAL B 76 -22.28 -7.02 13.68
N ASP B 77 -23.45 -7.18 14.27
CA ASP B 77 -23.84 -6.36 15.43
C ASP B 77 -22.96 -6.62 16.66
N LYS B 78 -22.60 -7.89 16.89
CA LYS B 78 -21.70 -8.24 17.99
C LYS B 78 -20.30 -7.66 17.83
N CYS B 79 -19.82 -7.49 16.60
CA CYS B 79 -18.48 -6.88 16.36
C CYS B 79 -18.41 -5.47 16.96
N GLU B 80 -19.52 -4.74 16.97
CA GLU B 80 -19.54 -3.38 17.55
C GLU B 80 -19.18 -3.40 19.02
N GLU B 81 -19.67 -4.42 19.73
CA GLU B 81 -19.36 -4.54 21.14
C GLU B 81 -18.08 -5.33 21.42
N GLN B 82 -17.65 -6.17 20.47
CA GLN B 82 -16.45 -6.99 20.62
C GLN B 82 -15.37 -6.54 19.63
N TYR B 83 -15.03 -5.27 19.67
CA TYR B 83 -14.09 -4.69 18.72
C TYR B 83 -12.71 -5.38 18.77
N ASP B 84 -12.21 -5.64 19.95
CA ASP B 84 -10.90 -6.29 20.11
C ASP B 84 -10.89 -7.68 19.50
N LEU B 85 -11.91 -8.45 19.80
CA LEU B 85 -12.07 -9.77 19.27
C LEU B 85 -12.27 -9.73 17.76
N ALA B 86 -13.03 -8.76 17.27
CA ALA B 86 -13.16 -8.60 15.81
C ALA B 86 -11.78 -8.32 15.16
N TYR B 87 -11.00 -7.42 15.74
CA TYR B 87 -9.69 -7.13 15.21
C TYR B 87 -8.86 -8.39 15.24
N LYS B 88 -8.89 -9.14 16.31
CA LYS B 88 -8.06 -10.34 16.39
C LYS B 88 -8.40 -11.33 15.29
N ILE B 89 -9.68 -11.59 15.07
CA ILE B 89 -10.05 -12.66 14.15
C ILE B 89 -10.00 -12.14 12.72
N ASN B 90 -10.51 -10.94 12.52
CA ASN B 90 -10.75 -10.39 11.18
C ASN B 90 -9.54 -9.75 10.56
N ALA B 91 -8.61 -9.27 11.41
CA ALA B 91 -7.42 -8.56 10.96
C ALA B 91 -6.12 -9.28 11.29
N ILE B 92 -5.96 -9.68 12.55
CA ILE B 92 -4.66 -10.28 13.02
C ILE B 92 -4.53 -11.67 12.47
N GLY B 93 -5.64 -12.35 12.39
CA GLY B 93 -5.71 -13.68 11.81
C GLY B 93 -5.12 -13.69 10.40
N PRO B 94 -5.70 -12.90 9.52
CA PRO B 94 -5.13 -12.72 8.15
C PRO B 94 -3.64 -12.28 8.10
N LYS B 95 -3.24 -11.36 8.97
CA LYS B 95 -1.83 -10.92 9.11
C LYS B 95 -0.98 -12.12 9.41
N ASN B 96 -1.38 -12.91 10.41
CA ASN B 96 -0.57 -14.08 10.80
C ASN B 96 -0.45 -15.09 9.68
N LEU B 97 -1.58 -15.35 9.02
CA LEU B 97 -1.59 -16.35 7.92
C LEU B 97 -0.80 -15.89 6.72
N ALA B 98 -0.93 -14.61 6.37
CA ALA B 98 -0.21 -14.08 5.22
C ALA B 98 1.29 -14.18 5.38
N ALA B 99 1.81 -13.81 6.56
CA ALA B 99 3.24 -13.78 6.83
C ALA B 99 3.81 -15.17 6.93
N ALA B 100 3.07 -16.03 7.60
CA ALA B 100 3.47 -17.42 7.77
C ALA B 100 3.48 -18.09 6.41
N ALA B 101 2.46 -17.83 5.61
CA ALA B 101 2.44 -18.26 4.20
C ALA B 101 3.70 -17.79 3.45
N TYR B 102 3.96 -16.49 3.50
CA TYR B 102 5.16 -15.93 2.88
C TYR B 102 6.48 -16.67 3.25
N SER B 103 6.63 -17.00 4.54
CA SER B 103 7.79 -17.66 5.01
C SER B 103 8.01 -19.00 4.36
N VAL B 104 6.95 -19.65 3.88
CA VAL B 104 7.12 -20.98 3.24
C VAL B 104 6.85 -20.94 1.74
N GLY B 105 6.71 -19.72 1.20
CA GLY B 105 6.44 -19.55 -0.20
C GLY B 105 5.01 -19.86 -0.64
N ALA B 106 4.08 -19.85 0.31
CA ALA B 106 2.73 -20.17 -0.01
C ALA B 106 1.94 -18.91 -0.43
N GLU B 107 0.91 -19.17 -1.23
CA GLU B 107 -0.10 -18.15 -1.64
C GLU B 107 -1.14 -17.98 -0.53
N ILE B 108 -1.83 -16.83 -0.51
CA ILE B 108 -2.93 -16.74 0.41
C ILE B 108 -4.15 -16.24 -0.28
N VAL B 109 -5.28 -16.90 -0.02
CA VAL B 109 -6.59 -16.33 -0.37
C VAL B 109 -7.26 -15.84 0.91
N GLN B 110 -7.67 -14.57 0.86
CA GLN B 110 -8.36 -13.94 1.93
C GLN B 110 -9.78 -13.56 1.47
N ILE B 111 -10.76 -14.13 2.14
CA ILE B 111 -12.15 -13.83 1.84
C ILE B 111 -12.56 -12.58 2.61
N SER B 112 -13.17 -11.64 1.89
CA SER B 112 -13.55 -10.38 2.48
C SER B 112 -14.98 -10.03 2.14
N THR B 113 -15.34 -8.76 2.25
CA THR B 113 -16.73 -8.36 2.39
C THR B 113 -17.07 -7.03 1.69
N ASP B 114 -18.31 -6.92 1.26
CA ASP B 114 -18.90 -5.66 0.77
C ASP B 114 -19.02 -4.55 1.84
N TYR B 115 -18.91 -4.92 3.13
CA TYR B 115 -18.97 -3.94 4.25
C TYR B 115 -17.74 -3.05 4.33
N VAL B 116 -16.75 -3.30 3.47
CA VAL B 116 -15.65 -2.32 3.29
C VAL B 116 -16.08 -0.99 2.65
N PHE B 117 -17.25 -0.99 2.02
CA PHE B 117 -17.81 0.22 1.38
C PHE B 117 -18.85 0.88 2.27
N ASP B 118 -19.15 2.15 2.05
CA ASP B 118 -20.05 2.86 2.96
C ASP B 118 -21.54 2.70 2.67
N GLY B 119 -21.88 2.09 1.53
CA GLY B 119 -23.29 1.89 1.16
C GLY B 119 -23.94 3.04 0.46
N GLU B 120 -23.19 4.10 0.18
CA GLU B 120 -23.74 5.29 -0.44
C GLU B 120 -23.62 5.26 -1.96
N ALA B 121 -23.04 4.19 -2.53
CA ALA B 121 -22.98 4.04 -4.00
C ALA B 121 -24.38 3.97 -4.66
N LYS B 122 -24.43 4.35 -5.92
CA LYS B 122 -25.67 4.36 -6.66
C LYS B 122 -25.59 3.43 -7.88
N GLU B 123 -24.43 2.78 -8.08
CA GLU B 123 -24.29 1.79 -9.14
C GLU B 123 -23.27 0.73 -8.75
N PRO B 124 -23.30 -0.43 -9.41
CA PRO B 124 -22.44 -1.56 -9.01
C PRO B 124 -21.02 -1.17 -8.73
N ILE B 125 -20.47 -1.66 -7.62
CA ILE B 125 -19.18 -1.19 -7.13
C ILE B 125 -18.05 -2.08 -7.64
N THR B 126 -17.03 -1.44 -8.17
CA THR B 126 -15.86 -2.18 -8.59
C THR B 126 -14.71 -2.20 -7.59
N GLU B 127 -13.73 -3.03 -7.89
CA GLU B 127 -12.57 -3.25 -7.06
C GLU B 127 -11.71 -1.98 -7.02
N PHE B 128 -11.97 -1.03 -7.91
CA PHE B 128 -11.17 0.18 -8.01
C PHE B 128 -11.85 1.34 -7.33
N ASP B 129 -13.06 1.13 -6.79
CA ASP B 129 -13.76 2.14 -6.01
C ASP B 129 -13.17 2.25 -4.61
N GLU B 130 -13.38 3.40 -3.98
CA GLU B 130 -12.81 3.61 -2.65
C GLU B 130 -13.58 3.04 -1.49
N VAL B 131 -12.83 2.41 -0.59
CA VAL B 131 -13.39 1.81 0.61
C VAL B 131 -13.65 2.88 1.67
N ASN B 132 -14.61 2.64 2.55
CA ASN B 132 -14.99 3.61 3.57
C ASN B 132 -15.91 2.92 4.60
N PRO B 133 -15.40 1.94 5.33
CA PRO B 133 -16.24 1.13 6.21
C PRO B 133 -16.86 1.91 7.34
N GLN B 134 -18.15 1.71 7.60
CA GLN B 134 -18.90 2.42 8.63
C GLN B 134 -19.28 1.51 9.78
N SER B 135 -18.67 0.34 9.83
CA SER B 135 -18.95 -0.65 10.84
C SER B 135 -17.66 -1.27 11.35
N ALA B 136 -17.69 -1.78 12.59
CA ALA B 136 -16.53 -2.57 13.13
C ALA B 136 -16.19 -3.79 12.28
N TYR B 137 -17.24 -4.49 11.87
CA TYR B 137 -17.06 -5.65 11.01
C TYR B 137 -16.34 -5.21 9.72
N GLY B 138 -16.83 -4.18 9.05
CA GLY B 138 -16.19 -3.68 7.85
C GLY B 138 -14.75 -3.21 8.04
N LYS B 139 -14.51 -2.51 9.15
CA LYS B 139 -13.22 -1.88 9.44
C LYS B 139 -12.22 -2.94 9.71
N THR B 140 -12.62 -3.94 10.51
CA THR B 140 -11.71 -5.00 10.87
C THR B 140 -11.36 -5.89 9.68
N LYS B 141 -12.36 -6.21 8.87
CA LYS B 141 -12.10 -6.96 7.64
C LYS B 141 -11.18 -6.23 6.69
N LEU B 142 -11.36 -4.92 6.56
CA LEU B 142 -10.48 -4.09 5.69
C LEU B 142 -9.07 -4.11 6.16
N GLU B 143 -8.87 -4.00 7.47
CA GLU B 143 -7.52 -4.03 7.98
C GLU B 143 -6.88 -5.40 7.76
N GLY B 144 -7.70 -6.43 7.79
CA GLY B 144 -7.27 -7.76 7.36
C GLY B 144 -6.78 -7.81 5.89
N GLU B 145 -7.53 -7.22 4.97
CA GLU B 145 -7.07 -7.08 3.54
C GLU B 145 -5.75 -6.37 3.46
N ASN B 146 -5.59 -5.27 4.21
CA ASN B 146 -4.39 -4.43 4.11
C ASN B 146 -3.17 -5.19 4.59
N PHE B 147 -3.33 -5.95 5.67
CA PHE B 147 -2.24 -6.81 6.15
C PHE B 147 -1.84 -7.85 5.14
N VAL B 148 -2.83 -8.55 4.58
CA VAL B 148 -2.55 -9.65 3.63
C VAL B 148 -1.73 -9.15 2.43
N LYS B 149 -2.13 -8.03 1.88
CA LYS B 149 -1.38 -7.47 0.76
C LYS B 149 0.02 -7.04 1.15
N ALA B 150 0.21 -6.56 2.38
CA ALA B 150 1.49 -5.95 2.77
C ALA B 150 2.48 -7.03 3.05
N LEU B 151 1.99 -8.18 3.46
CA LEU B 151 2.86 -9.25 3.95
C LEU B 151 3.11 -10.41 3.02
N ASN B 152 2.37 -10.48 1.91
CA ASN B 152 2.47 -11.56 0.98
C ASN B 152 2.11 -11.12 -0.46
N PRO B 153 3.10 -10.99 -1.37
CA PRO B 153 2.81 -10.61 -2.77
C PRO B 153 1.93 -11.59 -3.55
N LYS B 154 1.91 -12.87 -3.16
CA LYS B 154 1.09 -13.89 -3.78
C LYS B 154 -0.23 -13.95 -3.06
N TYR B 155 -1.05 -12.89 -3.24
CA TYR B 155 -2.36 -12.76 -2.58
C TYR B 155 -3.57 -12.69 -3.53
N TYR B 156 -4.69 -13.19 -3.04
CA TYR B 156 -5.99 -13.03 -3.66
C TYR B 156 -6.91 -12.59 -2.55
N ILE B 157 -7.55 -11.44 -2.75
CA ILE B 157 -8.58 -10.97 -1.89
C ILE B 157 -9.90 -11.10 -2.65
N VAL B 158 -10.83 -11.86 -2.10
CA VAL B 158 -12.09 -12.11 -2.75
C VAL B 158 -13.21 -11.60 -1.88
N ARG B 159 -13.78 -10.46 -2.24
CA ARG B 159 -14.89 -9.90 -1.54
C ARG B 159 -16.25 -10.48 -1.96
N THR B 160 -17.08 -10.83 -0.97
CA THR B 160 -18.38 -11.39 -1.27
C THR B 160 -19.44 -10.77 -0.37
N ALA B 161 -20.67 -11.26 -0.50
CA ALA B 161 -21.81 -10.63 0.19
C ALA B 161 -23.04 -11.56 0.20
N TRP B 162 -23.88 -11.40 1.22
CA TRP B 162 -25.16 -12.04 1.26
C TRP B 162 -25.02 -13.53 1.02
N LEU B 163 -24.09 -14.13 1.75
CA LEU B 163 -23.60 -15.46 1.37
C LEU B 163 -24.45 -16.54 2.03
N TYR B 164 -24.83 -17.58 1.28
CA TYR B 164 -25.59 -18.70 1.82
C TYR B 164 -25.01 -20.01 1.35
N GLY B 165 -25.14 -21.02 2.20
CA GLY B 165 -24.61 -22.35 1.93
C GLY B 165 -24.86 -23.25 3.12
N ASP B 166 -23.89 -24.11 3.39
CA ASP B 166 -23.98 -25.12 4.43
C ASP B 166 -23.71 -24.57 5.82
N GLY B 167 -24.70 -23.85 6.34
CA GLY B 167 -24.56 -23.19 7.62
C GLY B 167 -25.77 -22.32 7.85
N ASN B 168 -25.74 -21.55 8.92
CA ASN B 168 -26.79 -20.58 9.19
C ASN B 168 -26.72 -19.46 8.17
N ASN B 169 -27.89 -18.98 7.73
CA ASN B 169 -27.97 -17.94 6.73
C ASN B 169 -29.39 -17.44 6.57
N PHE B 170 -29.56 -16.39 5.78
CA PHE B 170 -30.87 -15.76 5.56
C PHE B 170 -31.92 -16.68 4.96
N VAL B 171 -31.47 -17.60 4.12
CA VAL B 171 -32.39 -18.54 3.47
C VAL B 171 -33.07 -19.45 4.50
N LYS B 172 -32.25 -20.08 5.33
CA LYS B 172 -32.71 -20.94 6.42
C LYS B 172 -33.55 -20.14 7.43
N THR B 173 -33.09 -18.94 7.77
CA THR B 173 -33.87 -18.04 8.64
C THR B 173 -35.26 -17.76 8.11
N ILE B 175 -36.96 -19.44 5.83
CA ILE B 175 -37.73 -20.69 5.80
C ILE B 175 -38.30 -21.00 7.17
N ASN B 176 -37.46 -20.91 8.20
CA ASN B 176 -37.86 -21.21 9.56
C ASN B 176 -38.88 -20.22 10.13
N LEU B 177 -38.67 -18.93 9.91
CA LEU B 177 -39.66 -17.92 10.26
C LEU B 177 -40.97 -18.11 9.49
N GLY B 178 -40.86 -18.39 8.20
CA GLY B 178 -41.99 -18.46 7.31
C GLY B 178 -42.91 -19.59 7.69
N LYS B 179 -42.34 -20.65 8.27
CA LYS B 179 -43.13 -21.80 8.67
C LYS B 179 -43.88 -21.54 9.97
N THR B 180 -43.40 -20.57 10.74
CA THR B 180 -43.99 -20.25 12.05
C THR B 180 -44.73 -18.90 12.11
N HIS B 181 -44.83 -18.23 10.96
CA HIS B 181 -45.47 -16.93 10.87
C HIS B 181 -46.33 -16.84 9.63
N ASP B 182 -47.39 -16.04 9.74
CA ASP B 182 -48.35 -15.82 8.67
C ASP B 182 -47.89 -14.63 7.81
N GLU B 183 -47.22 -13.66 8.45
CA GLU B 183 -46.55 -12.56 7.73
C GLU B 183 -45.20 -12.16 8.35
N LEU B 184 -44.36 -11.58 7.49
CA LEU B 184 -43.04 -11.10 7.85
C LEU B 184 -42.78 -9.73 7.23
N LYS B 185 -42.04 -8.89 7.95
CA LYS B 185 -41.54 -7.63 7.41
C LYS B 185 -40.07 -7.82 7.07
N VAL B 186 -39.69 -7.50 5.83
CA VAL B 186 -38.29 -7.63 5.37
C VAL B 186 -37.86 -6.35 4.67
N VAL B 187 -36.63 -5.89 4.96
CA VAL B 187 -36.19 -4.59 4.42
C VAL B 187 -36.13 -4.60 2.92
N HIS B 188 -36.72 -3.57 2.34
CA HIS B 188 -36.71 -3.34 0.90
C HIS B 188 -35.72 -2.22 0.50
N ASP B 189 -35.13 -1.51 1.46
CA ASP B 189 -34.28 -0.36 1.16
C ASP B 189 -32.78 -0.67 1.30
N GLN B 190 -32.46 -1.96 1.38
CA GLN B 190 -31.08 -2.40 1.31
C GLN B 190 -30.96 -3.36 0.14
N VAL B 191 -30.05 -3.05 -0.81
CA VAL B 191 -29.90 -3.87 -2.02
C VAL B 191 -28.50 -4.40 -2.20
N GLY B 192 -28.41 -5.53 -2.87
CA GLY B 192 -27.15 -6.26 -3.04
C GLY B 192 -27.50 -7.43 -3.91
N THR B 193 -26.74 -8.51 -3.79
CA THR B 193 -26.99 -9.72 -4.54
C THR B 193 -26.76 -10.97 -3.66
N PRO B 194 -27.80 -11.82 -3.54
CA PRO B 194 -27.65 -13.07 -2.84
C PRO B 194 -26.58 -13.91 -3.52
N THR B 195 -25.65 -14.46 -2.75
CA THR B 195 -24.55 -15.30 -3.33
C THR B 195 -24.49 -16.65 -2.69
N SER B 196 -24.40 -17.70 -3.52
CA SER B 196 -24.24 -19.08 -3.09
C SER B 196 -22.75 -19.36 -2.92
N THR B 197 -22.42 -20.13 -1.91
CA THR B 197 -21.04 -20.57 -1.77
C THR B 197 -20.53 -21.38 -2.95
N VAL B 198 -21.44 -21.94 -3.75
CA VAL B 198 -21.02 -22.79 -4.89
C VAL B 198 -20.30 -21.93 -5.90
N ASP B 199 -20.88 -20.78 -6.15
CA ASP B 199 -20.26 -19.82 -7.09
C ASP B 199 -18.97 -19.18 -6.54
N LEU B 200 -18.96 -18.86 -5.26
CA LEU B 200 -17.82 -18.23 -4.65
C LEU B 200 -16.68 -19.22 -4.67
N ALA B 201 -16.96 -20.46 -4.30
CA ALA B 201 -15.91 -21.47 -4.25
C ALA B 201 -15.32 -21.75 -5.64
N ARG B 202 -16.16 -21.77 -6.66
CA ARG B 202 -15.69 -21.97 -8.01
C ARG B 202 -14.72 -20.88 -8.43
N VAL B 203 -15.08 -19.65 -8.09
CA VAL B 203 -14.21 -18.53 -8.38
C VAL B 203 -12.91 -18.57 -7.60
N VAL B 204 -12.98 -18.87 -6.31
CA VAL B 204 -11.78 -18.99 -5.50
C VAL B 204 -10.85 -19.99 -6.16
N LEU B 205 -11.36 -21.16 -6.53
CA LEU B 205 -10.46 -22.20 -7.06
C LEU B 205 -9.94 -21.85 -8.47
N LYS B 206 -10.77 -21.12 -9.21
CA LYS B 206 -10.41 -20.62 -10.55
C LYS B 206 -9.20 -19.66 -10.50
N VAL B 207 -9.27 -18.59 -9.71
CA VAL B 207 -8.13 -17.64 -9.66
C VAL B 207 -6.86 -18.28 -9.15
N ILE B 208 -6.96 -19.17 -8.17
CA ILE B 208 -5.77 -19.98 -7.74
C ILE B 208 -5.14 -20.71 -8.87
N ASP B 209 -6.01 -21.42 -9.58
CA ASP B 209 -5.60 -22.19 -10.74
C ASP B 209 -4.84 -21.42 -11.85
N GLU B 210 -5.31 -20.21 -12.09
CA GLU B 210 -4.75 -19.28 -13.08
C GLU B 210 -3.58 -18.43 -12.58
N LYS B 211 -3.34 -18.43 -11.25
CA LYS B 211 -2.49 -17.46 -10.59
C LYS B 211 -2.88 -16.02 -10.96
N ASN B 212 -4.16 -15.76 -10.83
CA ASN B 212 -4.76 -14.46 -11.21
C ASN B 212 -4.87 -13.72 -9.89
N TYR B 213 -3.72 -13.23 -9.45
CA TYR B 213 -3.56 -12.58 -8.16
C TYR B 213 -4.22 -11.21 -8.14
N GLY B 214 -4.59 -10.76 -6.95
CA GLY B 214 -5.22 -9.45 -6.81
C GLY B 214 -6.53 -9.48 -6.03
N THR B 215 -7.29 -8.39 -6.13
CA THR B 215 -8.57 -8.17 -5.43
C THR B 215 -9.75 -8.31 -6.37
N PHE B 216 -10.65 -9.24 -6.02
CA PHE B 216 -11.77 -9.59 -6.84
C PHE B 216 -13.06 -9.51 -6.04
N HIS B 217 -14.05 -8.95 -6.66
CA HIS B 217 -15.45 -9.04 -6.18
C HIS B 217 -16.08 -10.30 -6.74
N CYS B 218 -16.80 -10.99 -5.88
CA CYS B 218 -17.44 -12.20 -6.28
C CYS B 218 -18.78 -12.43 -5.61
N THR B 219 -19.80 -11.84 -6.21
CA THR B 219 -21.19 -12.11 -5.90
C THR B 219 -21.88 -12.57 -7.16
N CYS B 220 -23.04 -13.18 -6.98
CA CYS B 220 -23.81 -13.68 -8.11
C CYS B 220 -24.26 -12.49 -8.96
N LYS B 221 -24.74 -12.78 -10.16
CA LYS B 221 -25.13 -11.72 -11.07
C LYS B 221 -26.52 -11.21 -10.70
N GLY B 222 -26.75 -9.94 -10.97
CA GLY B 222 -28.05 -9.38 -10.72
C GLY B 222 -28.09 -8.52 -9.48
N ILE B 223 -29.30 -8.09 -9.11
CA ILE B 223 -29.49 -7.19 -8.02
C ILE B 223 -30.92 -7.30 -7.44
N CYS B 224 -31.02 -7.20 -6.12
CA CYS B 224 -32.30 -7.16 -5.47
C CYS B 224 -32.16 -6.67 -4.02
N SER B 225 -33.30 -6.49 -3.37
CA SER B 225 -33.36 -6.19 -1.93
C SER B 225 -33.51 -7.47 -1.13
N TRP B 226 -33.39 -7.38 0.20
CA TRP B 226 -33.67 -8.54 1.09
C TRP B 226 -35.12 -8.97 0.99
N TYR B 227 -35.99 -7.98 0.82
CA TYR B 227 -37.40 -8.25 0.55
C TYR B 227 -37.60 -9.12 -0.69
N ASP B 228 -36.98 -8.76 -1.80
CA ASP B 228 -37.09 -9.55 -3.05
C ASP B 228 -36.53 -10.96 -2.86
N PHE B 229 -35.44 -11.02 -2.08
CA PHE B 229 -34.76 -12.29 -1.77
C PHE B 229 -35.77 -13.20 -1.03
N ALA B 230 -36.38 -12.68 0.02
CA ALA B 230 -37.39 -13.41 0.77
C ALA B 230 -38.57 -13.88 -0.10
N VAL B 231 -39.07 -13.01 -0.94
CA VAL B 231 -40.19 -13.33 -1.82
C VAL B 231 -39.84 -14.49 -2.76
N GLU B 232 -38.62 -14.48 -3.28
CA GLU B 232 -38.19 -15.56 -4.15
C GLU B 232 -38.00 -16.87 -3.37
N ILE B 233 -37.46 -16.78 -2.15
CA ILE B 233 -37.31 -17.94 -1.28
C ILE B 233 -38.64 -18.63 -1.09
N PHE B 234 -39.67 -17.85 -0.75
CA PHE B 234 -41.01 -18.43 -0.47
C PHE B 234 -41.72 -18.91 -1.73
N ARG B 235 -41.50 -18.19 -2.84
CA ARG B 235 -41.98 -18.67 -4.14
C ARG B 235 -41.40 -20.05 -4.43
N LEU B 236 -40.09 -20.22 -4.26
CA LEU B 236 -39.41 -21.46 -4.59
C LEU B 236 -39.75 -22.63 -3.64
N THR B 237 -40.06 -22.34 -2.38
CA THR B 237 -40.35 -23.40 -1.41
C THR B 237 -41.83 -23.73 -1.35
N GLY B 238 -42.64 -22.79 -1.83
CA GLY B 238 -44.09 -22.91 -1.78
C GLY B 238 -44.71 -22.45 -0.48
N ILE B 239 -43.90 -21.88 0.40
CA ILE B 239 -44.36 -21.50 1.72
C ILE B 239 -45.29 -20.29 1.60
N ASP B 240 -46.47 -20.43 2.20
CA ASP B 240 -47.49 -19.41 2.10
C ASP B 240 -47.33 -18.43 3.26
N VAL B 241 -46.66 -17.31 2.99
CA VAL B 241 -46.40 -16.29 3.98
C VAL B 241 -46.42 -14.96 3.25
N LYS B 242 -47.10 -13.97 3.81
CA LYS B 242 -47.16 -12.67 3.20
C LYS B 242 -45.92 -11.92 3.67
N VAL B 243 -45.08 -11.52 2.71
CA VAL B 243 -43.96 -10.66 3.01
C VAL B 243 -44.32 -9.22 2.71
N THR B 244 -44.02 -8.35 3.66
CA THR B 244 -44.28 -6.91 3.56
C THR B 244 -42.94 -6.17 3.51
N PRO B 245 -42.76 -5.29 2.52
CA PRO B 245 -41.51 -4.55 2.42
C PRO B 245 -41.46 -3.54 3.54
N CYS B 246 -40.33 -3.38 4.20
CA CYS B 246 -40.20 -2.31 5.17
C CYS B 246 -38.88 -1.54 5.02
N THR B 247 -38.69 -0.52 5.86
CA THR B 247 -37.48 0.27 5.84
C THR B 247 -36.57 -0.10 6.99
N THR B 248 -35.32 0.32 6.85
CA THR B 248 -34.26 0.07 7.80
C THR B 248 -34.53 0.73 9.15
N GLU B 249 -35.15 1.93 9.11
CA GLU B 249 -35.42 2.70 10.33
C GLU B 249 -36.42 2.01 11.27
N GLU B 250 -37.30 1.21 10.68
CA GLU B 250 -38.36 0.51 11.43
C GLU B 250 -37.80 -0.52 12.43
N PHE B 251 -36.65 -1.13 12.12
CA PHE B 251 -36.11 -2.22 12.95
C PHE B 251 -34.58 -2.05 13.13
N PRO B 252 -34.19 -1.13 14.02
CA PRO B 252 -32.80 -0.68 14.14
C PRO B 252 -31.83 -1.65 14.82
N ARG B 253 -30.58 -1.64 14.35
CA ARG B 253 -29.54 -2.54 14.83
C ARG B 253 -28.27 -1.76 15.24
N PRO B 254 -27.44 -2.34 16.13
CA PRO B 254 -26.14 -1.75 16.52
C PRO B 254 -25.13 -1.43 15.38
N ALA B 255 -25.06 -2.24 14.35
CA ALA B 255 -24.18 -1.96 13.22
C ALA B 255 -24.91 -1.25 12.08
N LYS B 256 -24.27 -0.21 11.54
CA LYS B 256 -24.70 0.42 10.28
C LYS B 256 -24.58 -0.57 9.11
N ARG B 257 -25.68 -0.76 8.39
CA ARG B 257 -25.70 -1.58 7.17
C ARG B 257 -25.82 -0.73 5.91
N PRO B 258 -25.16 -1.15 4.83
CA PRO B 258 -25.12 -0.34 3.63
C PRO B 258 -26.48 -0.32 2.94
N LYS B 259 -26.87 0.85 2.45
CA LYS B 259 -28.11 0.93 1.67
C LYS B 259 -27.94 0.18 0.37
N TYR B 260 -26.75 0.30 -0.23
CA TYR B 260 -26.49 -0.22 -1.56
C TYR B 260 -25.13 -0.88 -1.53
N SER B 261 -25.10 -2.20 -1.69
CA SER B 261 -23.86 -2.98 -1.66
C SER B 261 -23.80 -4.00 -2.80
N VAL B 262 -24.26 -3.56 -3.97
CA VAL B 262 -24.11 -4.34 -5.18
C VAL B 262 -22.66 -4.24 -5.64
N LEU B 263 -21.98 -5.39 -5.71
CA LEU B 263 -20.61 -5.46 -6.20
C LEU B 263 -20.62 -5.91 -7.65
N ARG B 264 -19.87 -5.19 -8.45
CA ARG B 264 -19.63 -5.60 -9.81
C ARG B 264 -18.43 -6.49 -9.82
N ASN B 265 -18.55 -7.63 -10.47
CA ASN B 265 -17.43 -8.60 -10.55
C ASN B 265 -16.49 -8.13 -11.70
N TYR B 266 -15.95 -6.93 -11.59
CA TYR B 266 -15.24 -6.27 -12.68
C TYR B 266 -13.91 -6.90 -13.05
N LEU B 268 -13.04 -10.01 -12.66
CA LEU B 268 -13.35 -11.23 -13.37
C LEU B 268 -13.71 -10.90 -14.80
N GLU B 269 -14.61 -9.95 -15.00
CA GLU B 269 -14.98 -9.50 -16.34
C GLU B 269 -13.78 -9.05 -17.17
N LEU B 270 -12.82 -8.39 -16.56
CA LEU B 270 -11.67 -7.83 -17.26
C LEU B 270 -10.53 -8.84 -17.45
N THR B 271 -10.61 -10.00 -16.80
CA THR B 271 -9.54 -10.97 -16.91
C THR B 271 -10.07 -12.26 -17.54
N THR B 272 -10.34 -13.30 -16.72
CA THR B 272 -10.66 -14.62 -17.26
C THR B 272 -12.14 -14.99 -17.19
N GLY B 273 -12.99 -14.04 -16.84
CA GLY B 273 -14.43 -14.23 -17.01
C GLY B 273 -15.23 -14.36 -15.72
N ASP B 274 -16.37 -13.68 -15.67
CA ASP B 274 -17.28 -13.78 -14.56
C ASP B 274 -18.13 -15.06 -14.71
N ILE B 275 -17.67 -16.12 -14.07
CA ILE B 275 -18.35 -17.41 -14.14
C ILE B 275 -19.50 -17.58 -13.16
N THR B 276 -19.80 -16.56 -12.34
CA THR B 276 -20.95 -16.68 -11.43
C THR B 276 -22.24 -16.69 -12.21
N ARG B 277 -23.31 -17.15 -11.55
CA ARG B 277 -24.61 -17.28 -12.20
C ARG B 277 -25.51 -16.19 -11.69
N GLU B 278 -26.59 -15.95 -12.42
CA GLU B 278 -27.70 -15.14 -11.93
C GLU B 278 -28.16 -15.64 -10.61
N TRP B 279 -28.47 -14.73 -9.71
CA TRP B 279 -28.75 -15.07 -8.33
C TRP B 279 -29.92 -16.04 -8.15
N LYS B 280 -30.93 -15.91 -8.99
CA LYS B 280 -32.11 -16.80 -8.88
C LYS B 280 -31.84 -18.25 -9.29
N GLU B 281 -30.90 -18.43 -10.21
CA GLU B 281 -30.46 -19.76 -10.62
C GLU B 281 -29.66 -20.47 -9.54
N SER B 282 -28.69 -19.77 -8.95
CA SER B 282 -27.96 -20.31 -7.83
C SER B 282 -28.92 -20.65 -6.65
N LEU B 283 -29.88 -19.78 -6.40
CA LEU B 283 -30.75 -19.94 -5.27
C LEU B 283 -31.66 -21.12 -5.47
N LYS B 284 -32.18 -21.28 -6.67
CA LYS B 284 -32.99 -22.46 -6.97
C LYS B 284 -32.25 -23.77 -6.77
N GLU B 285 -30.99 -23.82 -7.21
CA GLU B 285 -30.15 -25.00 -7.01
C GLU B 285 -30.00 -25.29 -5.51
N TYR B 286 -29.84 -24.24 -4.71
CA TYR B 286 -29.66 -24.40 -3.26
C TYR B 286 -30.92 -24.91 -2.59
N ILE B 287 -32.05 -24.30 -2.91
CA ILE B 287 -33.34 -24.71 -2.33
C ILE B 287 -33.58 -26.15 -2.68
N ASP B 288 -33.27 -26.56 -3.90
CA ASP B 288 -33.43 -27.94 -4.31
C ASP B 288 -32.60 -28.87 -3.43
N LEU B 289 -31.34 -28.54 -3.21
CA LEU B 289 -30.47 -29.31 -2.31
C LEU B 289 -31.02 -29.45 -0.89
N LEU B 290 -31.60 -28.38 -0.36
CA LEU B 290 -32.19 -28.37 0.96
C LEU B 290 -33.38 -29.28 1.08
N GLN B 291 -34.26 -29.24 0.07
CA GLN B 291 -35.49 -30.09 0.07
C GLN B 291 -35.17 -31.48 -0.49
N HIS C 12 24.09 -12.51 -20.36
CA HIS C 12 23.66 -13.23 -19.11
C HIS C 12 22.30 -12.65 -18.70
N LYS C 14 18.82 -11.20 -18.72
CA LYS C 14 17.75 -11.33 -19.71
C LYS C 14 16.66 -10.30 -19.44
N ILE C 15 16.43 -9.40 -20.39
CA ILE C 15 15.50 -8.29 -20.25
C ILE C 15 14.34 -8.39 -21.23
N LEU C 16 13.15 -8.63 -20.71
CA LEU C 16 11.94 -8.58 -21.50
C LEU C 16 11.44 -7.14 -21.62
N ILE C 17 11.19 -6.73 -22.85
CA ILE C 17 10.53 -5.47 -23.09
C ILE C 17 9.15 -5.77 -23.68
N THR C 18 8.11 -5.24 -23.05
CA THR C 18 6.77 -5.21 -23.62
C THR C 18 6.46 -3.84 -24.17
N GLY C 19 5.64 -3.82 -25.25
CA GLY C 19 5.40 -2.59 -26.04
C GLY C 19 6.64 -2.07 -26.72
N ALA C 20 7.48 -3.03 -27.17
CA ALA C 20 8.86 -2.78 -27.57
C ALA C 20 8.99 -2.02 -28.88
N ASN C 21 7.94 -2.06 -29.70
CA ASN C 21 7.88 -1.26 -30.93
C ASN C 21 7.50 0.22 -30.72
N GLY C 22 7.11 0.60 -29.52
CA GLY C 22 6.71 1.99 -29.24
C GLY C 22 7.94 2.91 -29.16
N GLN C 23 7.73 4.20 -28.93
CA GLN C 23 8.84 5.16 -28.80
C GLN C 23 9.91 4.74 -27.78
N LEU C 24 9.49 4.51 -26.54
CA LEU C 24 10.44 4.19 -25.51
C LEU C 24 11.03 2.80 -25.73
N GLY C 25 10.18 1.84 -26.10
CA GLY C 25 10.65 0.48 -26.34
C GLY C 25 11.78 0.48 -27.34
N ARG C 26 11.63 1.26 -28.41
CA ARG C 26 12.70 1.33 -29.42
C ARG C 26 13.96 1.94 -28.90
N GLU C 27 13.83 2.98 -28.09
CA GLU C 27 15.02 3.66 -27.58
C GLU C 27 15.78 2.76 -26.59
N ILE C 28 15.03 2.03 -25.78
CA ILE C 28 15.66 1.10 -24.86
C ILE C 28 16.45 0.04 -25.63
N GLN C 29 15.85 -0.52 -26.67
CA GLN C 29 16.56 -1.52 -27.49
C GLN C 29 17.86 -0.99 -28.05
N LYS C 30 17.81 0.26 -28.50
CA LYS C 30 18.92 0.96 -29.05
C LYS C 30 20.02 1.18 -28.04
N GLN C 31 19.67 1.62 -26.84
CA GLN C 31 20.70 1.86 -25.78
C GLN C 31 21.27 0.54 -25.22
N LEU C 32 20.56 -0.56 -25.40
CA LEU C 32 21.06 -1.86 -24.96
C LEU C 32 21.86 -2.63 -26.01
N LYS C 33 21.86 -2.15 -27.25
CA LYS C 33 22.65 -2.80 -28.31
C LYS C 33 24.11 -2.82 -27.86
N GLY C 34 24.74 -3.98 -28.03
CA GLY C 34 26.16 -4.14 -27.72
C GLY C 34 26.49 -4.28 -26.24
N LYS C 35 25.52 -4.08 -25.36
CA LYS C 35 25.69 -4.35 -23.94
C LYS C 35 25.64 -5.84 -23.72
N ASN C 36 26.07 -6.28 -22.55
CA ASN C 36 26.13 -7.71 -22.26
C ASN C 36 24.82 -8.18 -21.64
N VAL C 37 23.75 -8.10 -22.44
CA VAL C 37 22.40 -8.45 -22.03
C VAL C 37 21.69 -9.10 -23.20
N GLU C 38 20.79 -10.02 -22.88
CA GLU C 38 19.91 -10.62 -23.87
C GLU C 38 18.59 -9.92 -23.81
N VAL C 39 18.23 -9.21 -24.87
CA VAL C 39 17.00 -8.47 -24.94
C VAL C 39 15.94 -9.27 -25.64
N ILE C 40 14.73 -9.30 -25.08
CA ILE C 40 13.58 -9.99 -25.68
C ILE C 40 12.48 -8.96 -25.90
N PRO C 41 12.44 -8.39 -27.09
CA PRO C 41 11.43 -7.40 -27.41
C PRO C 41 10.11 -8.11 -27.80
N THR C 42 9.01 -7.63 -27.25
CA THR C 42 7.70 -8.13 -27.61
C THR C 42 6.78 -6.97 -27.76
N ASP C 43 5.87 -7.10 -28.71
CA ASP C 43 4.71 -6.27 -28.75
C ASP C 43 3.47 -7.19 -28.78
N VAL C 44 2.29 -6.61 -28.93
CA VAL C 44 1.03 -7.34 -28.68
C VAL C 44 0.88 -8.67 -29.46
N GLN C 45 1.42 -8.72 -30.67
CA GLN C 45 1.34 -9.91 -31.47
C GLN C 45 2.26 -11.03 -31.01
N ASP C 46 3.21 -10.71 -30.13
CA ASP C 46 4.13 -11.72 -29.53
C ASP C 46 3.74 -12.07 -28.11
N LEU C 47 3.30 -11.07 -27.37
CA LEU C 47 2.81 -11.25 -26.02
C LEU C 47 1.78 -10.17 -25.72
N ASP C 48 0.55 -10.61 -25.56
CA ASP C 48 -0.53 -9.76 -25.15
C ASP C 48 -0.61 -9.72 -23.64
N ILE C 49 -0.20 -8.60 -23.07
CA ILE C 49 0.00 -8.51 -21.62
C ILE C 49 -1.29 -8.55 -20.82
N THR C 50 -2.45 -8.41 -21.49
CA THR C 50 -3.76 -8.44 -20.79
C THR C 50 -4.22 -9.83 -20.49
N ASN C 51 -3.50 -10.83 -21.02
CA ASN C 51 -3.89 -12.23 -20.95
C ASN C 51 -3.02 -12.91 -19.91
N VAL C 52 -3.64 -13.28 -18.80
CA VAL C 52 -2.91 -13.73 -17.61
C VAL C 52 -2.24 -15.04 -17.89
N LEU C 53 -2.94 -15.97 -18.55
CA LEU C 53 -2.38 -17.29 -18.78
C LEU C 53 -1.22 -17.21 -19.73
N ALA C 54 -1.36 -16.42 -20.79
CA ALA C 54 -0.29 -16.24 -21.77
C ALA C 54 0.95 -15.64 -21.13
N VAL C 55 0.74 -14.60 -20.34
CA VAL C 55 1.81 -13.94 -19.58
C VAL C 55 2.54 -14.89 -18.65
N ASN C 56 1.78 -15.63 -17.84
CA ASN C 56 2.43 -16.63 -16.95
C ASN C 56 3.28 -17.63 -17.68
N LYS C 57 2.74 -18.20 -18.75
CA LYS C 57 3.47 -19.18 -19.51
C LYS C 57 4.73 -18.62 -20.11
N PHE C 58 4.63 -17.39 -20.64
CA PHE C 58 5.78 -16.74 -21.24
C PHE C 58 6.90 -16.54 -20.23
N PHE C 59 6.56 -16.03 -19.03
CA PHE C 59 7.56 -15.85 -17.97
C PHE C 59 8.16 -17.18 -17.50
N ASN C 60 7.32 -18.18 -17.33
CA ASN C 60 7.80 -19.45 -16.81
C ASN C 60 8.78 -20.11 -17.76
N GLU C 61 8.60 -19.88 -19.05
CA GLU C 61 9.45 -20.47 -20.09
C GLU C 61 10.69 -19.66 -20.38
N LYS C 62 10.54 -18.34 -20.45
CA LYS C 62 11.67 -17.47 -20.74
C LYS C 62 12.50 -17.07 -19.52
N LYS C 63 11.86 -16.97 -18.35
CA LYS C 63 12.56 -16.59 -17.13
C LYS C 63 13.45 -15.38 -17.32
N PRO C 64 12.86 -14.22 -17.66
CA PRO C 64 13.62 -12.96 -17.72
C PRO C 64 14.03 -12.52 -16.33
N ASN C 65 15.09 -11.73 -16.22
CA ASN C 65 15.52 -11.15 -14.98
C ASN C 65 14.86 -9.82 -14.70
N VAL C 66 14.40 -9.15 -15.76
CA VAL C 66 13.75 -7.83 -15.70
C VAL C 66 12.69 -7.77 -16.81
N VAL C 67 11.53 -7.22 -16.48
CA VAL C 67 10.59 -6.81 -17.46
C VAL C 67 10.45 -5.29 -17.40
N ILE C 68 10.57 -4.68 -18.57
CA ILE C 68 10.28 -3.26 -18.74
C ILE C 68 9.03 -3.10 -19.56
N ASN C 69 8.02 -2.55 -18.95
CA ASN C 69 6.74 -2.44 -19.57
C ASN C 69 6.50 -1.07 -20.16
N CYS C 70 6.65 -0.99 -21.48
CA CYS C 70 6.41 0.25 -22.24
C CYS C 70 5.07 0.25 -22.98
N ALA C 71 4.28 -0.82 -22.80
CA ALA C 71 2.99 -0.96 -23.45
C ALA C 71 1.95 -0.09 -22.75
N ALA C 72 1.11 0.57 -23.51
CA ALA C 72 0.06 1.34 -22.92
C ALA C 72 -0.97 1.68 -23.95
N HIS C 73 -2.17 2.01 -23.48
CA HIS C 73 -3.25 2.58 -24.27
C HIS C 73 -3.09 4.07 -23.95
N THR C 74 -2.39 4.79 -24.84
CA THR C 74 -2.02 6.20 -24.64
C THR C 74 -2.95 7.21 -25.32
N ALA C 75 -3.84 6.73 -26.18
CA ALA C 75 -4.85 7.62 -26.74
C ALA C 75 -5.76 8.12 -25.59
N VAL C 76 -5.41 9.29 -25.05
CA VAL C 76 -6.03 9.82 -23.84
C VAL C 76 -7.54 10.03 -23.99
N ASP C 77 -7.95 10.68 -25.08
CA ASP C 77 -9.39 10.96 -25.33
C ASP C 77 -10.17 9.67 -25.59
N LYS C 78 -9.57 8.77 -26.37
CA LYS C 78 -10.17 7.44 -26.61
C LYS C 78 -10.32 6.60 -25.33
N CYS C 79 -9.43 6.78 -24.34
CA CYS C 79 -9.59 6.04 -23.06
C CYS C 79 -10.96 6.33 -22.38
N GLU C 80 -11.46 7.56 -22.52
CA GLU C 80 -12.74 7.94 -21.89
C GLU C 80 -13.90 7.10 -22.46
N GLU C 81 -13.84 6.80 -23.74
CA GLU C 81 -14.86 5.99 -24.37
C GLU C 81 -14.54 4.49 -24.39
N GLN C 82 -13.30 4.11 -24.09
CA GLN C 82 -12.86 2.72 -24.02
C GLN C 82 -12.32 2.35 -22.60
N TYR C 83 -13.11 2.62 -21.57
CA TYR C 83 -12.67 2.47 -20.18
C TYR C 83 -12.26 1.03 -19.81
N ASP C 84 -13.02 0.07 -20.32
CA ASP C 84 -12.67 -1.33 -20.08
C ASP C 84 -11.32 -1.69 -20.70
N LEU C 85 -11.14 -1.27 -21.95
CA LEU C 85 -9.89 -1.53 -22.66
C LEU C 85 -8.74 -0.79 -21.98
N ALA C 86 -8.98 0.45 -21.57
CA ALA C 86 -7.94 1.17 -20.84
C ALA C 86 -7.50 0.42 -19.55
N TYR C 87 -8.46 -0.08 -18.78
CA TYR C 87 -8.15 -0.87 -17.59
C TYR C 87 -7.36 -2.13 -17.94
N LYS C 88 -7.75 -2.83 -19.00
CA LYS C 88 -7.08 -4.05 -19.38
C LYS C 88 -5.63 -3.75 -19.72
N ILE C 89 -5.39 -2.73 -20.52
CA ILE C 89 -4.03 -2.47 -20.98
C ILE C 89 -3.22 -1.75 -19.91
N ASN C 90 -3.84 -0.74 -19.28
CA ASN C 90 -3.10 0.15 -18.39
C ASN C 90 -2.96 -0.29 -16.95
N ALA C 91 -3.85 -1.21 -16.53
CA ALA C 91 -3.82 -1.76 -15.16
C ALA C 91 -3.62 -3.27 -15.04
N ILE C 92 -4.41 -4.04 -15.79
CA ILE C 92 -4.36 -5.53 -15.76
C ILE C 92 -3.05 -5.97 -16.37
N GLY C 93 -2.64 -5.34 -17.45
CA GLY C 93 -1.34 -5.64 -18.00
C GLY C 93 -0.19 -5.60 -17.02
N PRO C 94 0.08 -4.44 -16.44
CA PRO C 94 1.04 -4.30 -15.34
C PRO C 94 0.90 -5.33 -14.17
N LYS C 95 -0.34 -5.56 -13.70
CA LYS C 95 -0.64 -6.61 -12.72
C LYS C 95 -0.11 -7.95 -13.18
N ASN C 96 -0.43 -8.31 -14.42
CA ASN C 96 -0.05 -9.62 -14.92
C ASN C 96 1.47 -9.74 -14.94
N LEU C 97 2.11 -8.67 -15.40
CA LEU C 97 3.59 -8.67 -15.56
C LEU C 97 4.33 -8.65 -14.23
N ALA C 98 3.78 -7.91 -13.28
CA ALA C 98 4.37 -7.82 -11.92
C ALA C 98 4.37 -9.18 -11.15
N ALA C 99 3.23 -9.87 -11.18
CA ALA C 99 3.07 -11.19 -10.57
C ALA C 99 3.88 -12.26 -11.25
N ALA C 100 3.84 -12.23 -12.57
CA ALA C 100 4.55 -13.22 -13.35
C ALA C 100 6.04 -13.04 -13.14
N ALA C 101 6.48 -11.80 -13.16
CA ALA C 101 7.85 -11.47 -12.77
C ALA C 101 8.20 -11.98 -11.35
N TYR C 102 7.34 -11.68 -10.38
CA TYR C 102 7.58 -12.13 -9.02
C TYR C 102 7.76 -13.67 -8.98
N SER C 103 6.94 -14.40 -9.75
CA SER C 103 7.01 -15.87 -9.76
C SER C 103 8.35 -16.40 -10.23
N VAL C 104 9.10 -15.61 -11.00
CA VAL C 104 10.44 -16.07 -11.46
C VAL C 104 11.61 -15.28 -10.86
N GLY C 105 11.31 -14.45 -9.89
CA GLY C 105 12.29 -13.61 -9.23
C GLY C 105 12.75 -12.43 -10.04
N ALA C 106 11.95 -12.00 -11.00
CA ALA C 106 12.35 -10.89 -11.85
C ALA C 106 11.89 -9.56 -11.25
N GLU C 107 12.62 -8.50 -11.62
CA GLU C 107 12.29 -7.09 -11.34
C GLU C 107 11.33 -6.59 -12.38
N ILE C 108 10.56 -5.56 -12.05
CA ILE C 108 9.70 -4.96 -13.04
C ILE C 108 9.90 -3.44 -13.06
N VAL C 109 10.06 -2.90 -14.27
CA VAL C 109 9.92 -1.48 -14.50
C VAL C 109 8.56 -1.20 -15.17
N GLN C 110 7.80 -0.30 -14.56
CA GLN C 110 6.50 0.15 -15.04
C GLN C 110 6.55 1.62 -15.34
N ILE C 111 6.36 1.98 -16.59
CA ILE C 111 6.40 3.36 -17.00
C ILE C 111 5.00 3.94 -16.75
N SER C 112 4.95 5.13 -16.19
CA SER C 112 3.67 5.77 -15.88
C SER C 112 3.67 7.21 -16.32
N THR C 113 2.76 7.98 -15.74
CA THR C 113 2.37 9.26 -16.29
C THR C 113 2.10 10.34 -15.25
N ASP C 114 2.35 11.57 -15.66
CA ASP C 114 1.91 12.79 -14.94
C ASP C 114 0.39 12.93 -14.79
N TYR C 115 -0.39 12.21 -15.59
CA TYR C 115 -1.85 12.26 -15.50
C TYR C 115 -2.41 11.60 -14.26
N VAL C 116 -1.55 11.02 -13.43
CA VAL C 116 -1.98 10.60 -12.09
C VAL C 116 -2.33 11.78 -11.16
N PHE C 117 -1.84 12.98 -11.51
CA PHE C 117 -2.05 14.19 -10.72
C PHE C 117 -3.21 14.97 -11.32
N ASP C 118 -3.80 15.86 -10.55
CA ASP C 118 -5.00 16.59 -11.04
C ASP C 118 -4.71 17.83 -11.86
N GLY C 119 -3.45 18.25 -11.96
CA GLY C 119 -3.12 19.45 -12.70
C GLY C 119 -3.34 20.79 -12.01
N GLU C 120 -3.74 20.76 -10.74
CA GLU C 120 -3.96 21.95 -9.96
C GLU C 120 -2.71 22.38 -9.19
N ALA C 121 -1.60 21.65 -9.27
CA ALA C 121 -0.35 22.08 -8.61
C ALA C 121 0.14 23.43 -9.13
N LYS C 122 0.90 24.13 -8.28
CA LYS C 122 1.46 25.44 -8.61
C LYS C 122 2.98 25.43 -8.62
N GLU C 123 3.60 24.30 -8.27
CA GLU C 123 5.04 24.16 -8.33
C GLU C 123 5.40 22.70 -8.64
N PRO C 124 6.63 22.46 -9.11
CA PRO C 124 7.02 21.15 -9.60
C PRO C 124 6.60 20.04 -8.64
N ILE C 125 6.01 18.99 -9.18
CA ILE C 125 5.39 17.93 -8.39
C ILE C 125 6.39 16.81 -8.11
N THR C 126 6.47 16.40 -6.83
CA THR C 126 7.35 15.30 -6.44
C THR C 126 6.61 14.00 -6.29
N GLU C 127 7.38 12.94 -6.12
CA GLU C 127 6.89 11.60 -5.97
C GLU C 127 6.19 11.44 -4.63
N PHE C 128 6.34 12.40 -3.73
CA PHE C 128 5.67 12.31 -2.43
C PHE C 128 4.38 13.13 -2.37
N ASP C 129 4.04 13.79 -3.47
CA ASP C 129 2.78 14.51 -3.59
C ASP C 129 1.62 13.57 -3.87
N GLU C 130 0.42 14.00 -3.53
CA GLU C 130 -0.74 13.12 -3.66
C GLU C 130 -1.38 13.07 -5.08
N VAL C 131 -1.70 11.85 -5.47
CA VAL C 131 -2.26 11.56 -6.78
C VAL C 131 -3.76 11.84 -6.69
N ASN C 132 -4.34 12.23 -7.81
CA ASN C 132 -5.75 12.58 -7.91
C ASN C 132 -6.17 12.65 -9.38
N PRO C 133 -6.09 11.52 -10.10
CA PRO C 133 -6.35 11.49 -11.54
C PRO C 133 -7.75 11.92 -11.88
N GLN C 134 -7.89 12.76 -12.90
CA GLN C 134 -9.18 13.30 -13.34
C GLN C 134 -9.57 12.73 -14.72
N SER C 135 -8.85 11.71 -15.20
CA SER C 135 -9.09 11.12 -16.50
C SER C 135 -9.10 9.62 -16.38
N ALA C 136 -9.76 8.95 -17.32
CA ALA C 136 -9.67 7.51 -17.46
C ALA C 136 -8.24 7.05 -17.66
N TYR C 137 -7.52 7.74 -18.54
CA TYR C 137 -6.11 7.43 -18.77
C TYR C 137 -5.34 7.44 -17.46
N GLY C 138 -5.43 8.54 -16.73
CA GLY C 138 -4.74 8.72 -15.46
C GLY C 138 -5.17 7.71 -14.39
N LYS C 139 -6.44 7.43 -14.36
CA LYS C 139 -7.01 6.51 -13.35
C LYS C 139 -6.56 5.09 -13.57
N THR C 140 -6.54 4.66 -14.83
CA THR C 140 -6.14 3.32 -15.19
C THR C 140 -4.62 3.14 -15.06
N LYS C 141 -3.84 4.16 -15.43
CA LYS C 141 -2.40 4.10 -15.22
C LYS C 141 -2.04 4.03 -13.73
N LEU C 142 -2.74 4.80 -12.90
CA LEU C 142 -2.57 4.76 -11.45
C LEU C 142 -2.86 3.41 -10.86
N GLU C 143 -3.94 2.78 -11.29
CA GLU C 143 -4.23 1.44 -10.77
C GLU C 143 -3.17 0.44 -11.19
N GLY C 144 -2.60 0.65 -12.37
CA GLY C 144 -1.44 -0.17 -12.80
C GLY C 144 -0.26 -0.05 -11.85
N GLU C 145 0.09 1.16 -11.45
CA GLU C 145 1.15 1.40 -10.46
C GLU C 145 0.84 0.71 -9.15
N ASN C 146 -0.40 0.84 -8.69
CA ASN C 146 -0.81 0.22 -7.47
C ASN C 146 -0.60 -1.30 -7.50
N PHE C 147 -1.00 -1.95 -8.58
CA PHE C 147 -0.84 -3.41 -8.71
C PHE C 147 0.63 -3.84 -8.71
N VAL C 148 1.44 -3.08 -9.44
CA VAL C 148 2.87 -3.41 -9.61
C VAL C 148 3.53 -3.42 -8.24
N LYS C 149 3.25 -2.41 -7.43
CA LYS C 149 3.86 -2.36 -6.10
C LYS C 149 3.33 -3.44 -5.17
N ALA C 150 2.04 -3.79 -5.29
CA ALA C 150 1.41 -4.75 -4.40
C ALA C 150 1.95 -6.12 -4.73
N LEU C 151 2.25 -6.34 -5.97
CA LEU C 151 2.54 -7.71 -6.44
C LEU C 151 4.00 -8.07 -6.59
N ASN C 152 4.88 -7.08 -6.52
CA ASN C 152 6.33 -7.35 -6.72
C ASN C 152 7.22 -6.36 -5.95
N PRO C 153 7.94 -6.77 -4.89
CA PRO C 153 8.77 -5.85 -4.12
C PRO C 153 9.94 -5.24 -4.87
N LYS C 154 10.38 -5.92 -5.94
CA LYS C 154 11.50 -5.41 -6.79
C LYS C 154 10.87 -4.62 -7.94
N TYR C 155 10.35 -3.44 -7.61
CA TYR C 155 9.66 -2.60 -8.60
C TYR C 155 10.35 -1.27 -8.82
N TYR C 156 10.15 -0.71 -10.03
CA TYR C 156 10.49 0.65 -10.36
C TYR C 156 9.31 1.20 -11.09
N ILE C 157 8.75 2.29 -10.59
CA ILE C 157 7.72 3.02 -11.32
C ILE C 157 8.38 4.30 -11.77
N VAL C 158 8.32 4.56 -13.07
CA VAL C 158 8.94 5.74 -13.63
C VAL C 158 7.88 6.52 -14.35
N ARG C 159 7.43 7.61 -13.76
CA ARG C 159 6.48 8.51 -14.38
C ARG C 159 7.19 9.51 -15.34
N THR C 160 6.58 9.68 -16.51
CA THR C 160 7.09 10.61 -17.48
C THR C 160 5.93 11.41 -18.12
N ALA C 161 6.26 12.27 -19.08
CA ALA C 161 5.30 13.18 -19.66
C ALA C 161 5.80 13.77 -20.96
N TRP C 162 4.88 14.18 -21.82
CA TRP C 162 5.22 14.95 -23.01
C TRP C 162 6.34 14.30 -23.78
N LEU C 163 6.20 12.99 -23.99
CA LEU C 163 7.25 12.15 -24.49
C LEU C 163 7.35 12.11 -26.04
N TYR C 164 8.56 12.28 -26.54
CA TYR C 164 8.81 12.20 -27.97
C TYR C 164 9.99 11.28 -28.23
N GLY C 165 9.94 10.63 -29.37
CA GLY C 165 10.98 9.74 -29.85
C GLY C 165 10.54 9.10 -31.15
N ASP C 166 10.94 7.85 -31.31
CA ASP C 166 10.76 7.14 -32.58
C ASP C 166 9.32 6.63 -32.72
N GLY C 167 8.44 7.54 -33.09
CA GLY C 167 7.03 7.22 -33.19
C GLY C 167 6.26 8.52 -33.36
N ASN C 168 4.95 8.44 -33.37
CA ASN C 168 4.11 9.62 -33.42
C ASN C 168 4.25 10.44 -32.17
N ASN C 169 4.24 11.76 -32.31
CA ASN C 169 4.36 12.65 -31.17
C ASN C 169 4.14 14.08 -31.61
N PHE C 170 4.14 14.99 -30.65
CA PHE C 170 3.86 16.41 -30.86
C PHE C 170 4.87 17.07 -31.78
N VAL C 171 6.11 16.63 -31.70
CA VAL C 171 7.17 17.23 -32.52
C VAL C 171 6.85 17.00 -34.01
N LYS C 172 6.64 15.72 -34.36
CA LYS C 172 6.29 15.32 -35.73
C LYS C 172 4.99 15.98 -36.21
N THR C 173 3.97 16.03 -35.33
CA THR C 173 2.71 16.68 -35.61
C THR C 173 2.89 18.16 -35.96
N ILE C 175 5.63 19.66 -36.88
CA ILE C 175 6.39 19.76 -38.12
C ILE C 175 5.47 19.60 -39.34
N ASN C 176 4.60 18.60 -39.28
CA ASN C 176 3.70 18.32 -40.41
C ASN C 176 2.67 19.43 -40.59
N LEU C 177 2.06 19.87 -39.49
CA LEU C 177 1.12 20.99 -39.55
C LEU C 177 1.80 22.25 -40.06
N GLY C 178 3.01 22.48 -39.57
CA GLY C 178 3.72 23.71 -39.83
C GLY C 178 4.13 23.85 -41.26
N LYS C 179 4.34 22.71 -41.93
CA LYS C 179 4.67 22.70 -43.36
C LYS C 179 3.42 22.95 -44.23
N THR C 180 2.24 22.69 -43.70
CA THR C 180 1.00 22.79 -44.48
C THR C 180 0.13 23.97 -44.04
N HIS C 181 0.60 24.76 -43.08
CA HIS C 181 -0.16 25.88 -42.52
C HIS C 181 0.72 27.11 -42.36
N ASP C 182 0.09 28.28 -42.52
CA ASP C 182 0.77 29.58 -42.38
C ASP C 182 0.74 30.03 -40.91
N GLU C 183 -0.31 29.65 -40.18
CA GLU C 183 -0.39 29.86 -38.75
C GLU C 183 -1.06 28.70 -38.00
N LEU C 184 -0.72 28.61 -36.72
CA LEU C 184 -1.26 27.59 -35.82
C LEU C 184 -1.62 28.24 -34.47
N LYS C 185 -2.66 27.71 -33.84
CA LYS C 185 -2.96 28.02 -32.45
C LYS C 185 -2.52 26.82 -31.60
N VAL C 186 -1.73 27.10 -30.56
CA VAL C 186 -1.24 26.08 -29.62
C VAL C 186 -1.49 26.56 -28.19
N VAL C 187 -1.97 25.68 -27.31
CA VAL C 187 -2.28 26.06 -25.91
C VAL C 187 -1.07 26.58 -25.15
N HIS C 188 -1.25 27.73 -24.51
CA HIS C 188 -0.23 28.35 -23.68
C HIS C 188 -0.54 28.22 -22.17
N ASP C 189 -1.73 27.72 -21.82
CA ASP C 189 -2.16 27.59 -20.42
C ASP C 189 -2.03 26.17 -19.88
N GLN C 190 -1.28 25.32 -20.58
CA GLN C 190 -0.92 24.01 -20.05
C GLN C 190 0.60 23.95 -20.07
N VAL C 191 1.19 23.64 -18.91
CA VAL C 191 2.67 23.61 -18.79
C VAL C 191 3.18 22.28 -18.23
N GLY C 192 4.40 21.93 -18.62
CA GLY C 192 4.99 20.65 -18.29
C GLY C 192 6.40 20.76 -18.85
N THR C 193 7.00 19.63 -19.18
CA THR C 193 8.34 19.65 -19.76
C THR C 193 8.46 18.59 -20.85
N PRO C 194 8.81 19.03 -22.06
CA PRO C 194 9.01 18.09 -23.14
C PRO C 194 10.11 17.09 -22.81
N THR C 195 9.84 15.80 -23.03
CA THR C 195 10.82 14.75 -22.65
C THR C 195 11.19 13.85 -23.83
N SER C 196 12.50 13.68 -24.05
CA SER C 196 13.02 12.77 -25.05
C SER C 196 13.09 11.37 -24.48
N THR C 197 12.75 10.37 -25.30
CA THR C 197 12.96 8.98 -24.87
C THR C 197 14.42 8.69 -24.56
N VAL C 198 15.34 9.49 -25.05
CA VAL C 198 16.76 9.19 -24.82
C VAL C 198 17.04 9.34 -23.35
N ASP C 199 16.55 10.43 -22.77
CA ASP C 199 16.80 10.72 -21.38
C ASP C 199 16.04 9.74 -20.49
N LEU C 200 14.80 9.40 -20.87
CA LEU C 200 13.96 8.48 -20.10
C LEU C 200 14.61 7.10 -20.07
N ALA C 201 15.08 6.66 -21.22
CA ALA C 201 15.70 5.36 -21.33
C ALA C 201 17.01 5.28 -20.53
N ARG C 202 17.80 6.34 -20.51
CA ARG C 202 19.04 6.35 -19.72
C ARG C 202 18.69 6.19 -18.23
N VAL C 203 17.64 6.88 -17.81
CA VAL C 203 17.23 6.79 -16.42
C VAL C 203 16.74 5.38 -16.09
N VAL C 204 15.90 4.81 -16.94
CA VAL C 204 15.37 3.48 -16.66
C VAL C 204 16.55 2.52 -16.47
N LEU C 205 17.51 2.59 -17.37
CA LEU C 205 18.59 1.61 -17.32
C LEU C 205 19.53 1.89 -16.13
N LYS C 206 19.66 3.16 -15.75
CA LYS C 206 20.44 3.59 -14.58
C LYS C 206 19.87 3.00 -13.29
N VAL C 207 18.56 3.21 -13.02
CA VAL C 207 18.00 2.70 -11.76
C VAL C 207 18.05 1.18 -11.71
N ILE C 208 17.83 0.50 -12.82
CA ILE C 208 17.98 -0.97 -12.83
C ILE C 208 19.36 -1.38 -12.44
N ASP C 209 20.32 -0.69 -13.04
CA ASP C 209 21.74 -0.95 -12.78
C ASP C 209 22.16 -0.80 -11.31
N GLU C 210 21.59 0.18 -10.63
CA GLU C 210 21.84 0.50 -9.22
C GLU C 210 20.95 -0.27 -8.23
N LYS C 211 19.92 -0.95 -8.74
CA LYS C 211 18.85 -1.49 -7.93
C LYS C 211 18.27 -0.44 -7.00
N ASN C 212 17.97 0.70 -7.61
CA ASN C 212 17.48 1.86 -6.93
C ASN C 212 15.94 1.81 -7.09
N TYR C 213 15.34 0.93 -6.30
CA TYR C 213 13.91 0.62 -6.40
C TYR C 213 13.03 1.78 -5.93
N GLY C 214 11.80 1.81 -6.39
CA GLY C 214 10.86 2.87 -6.00
C GLY C 214 10.19 3.61 -7.14
N THR C 215 9.60 4.74 -6.82
CA THR C 215 8.85 5.56 -7.75
C THR C 215 9.67 6.82 -8.06
N PHE C 216 9.90 7.07 -9.32
CA PHE C 216 10.68 8.16 -9.80
C PHE C 216 9.93 8.93 -10.84
N HIS C 217 10.02 10.25 -10.74
CA HIS C 217 9.63 11.11 -11.86
C HIS C 217 10.81 11.25 -12.79
N CYS C 218 10.55 11.22 -14.09
CA CYS C 218 11.60 11.37 -15.08
C CYS C 218 11.14 12.11 -16.30
N THR C 219 11.17 13.43 -16.19
CA THR C 219 11.08 14.32 -17.32
C THR C 219 12.38 15.15 -17.44
N CYS C 220 12.56 15.78 -18.58
CA CYS C 220 13.69 16.64 -18.85
C CYS C 220 13.63 17.85 -17.94
N LYS C 221 14.76 18.54 -17.76
CA LYS C 221 14.81 19.67 -16.86
C LYS C 221 14.13 20.89 -17.47
N GLY C 222 13.57 21.74 -16.65
CA GLY C 222 12.99 22.97 -17.14
C GLY C 222 11.51 22.89 -17.20
N ILE C 223 10.89 23.91 -17.78
CA ILE C 223 9.44 24.05 -17.79
C ILE C 223 9.01 24.94 -18.98
N CYS C 224 7.91 24.56 -19.64
CA CYS C 224 7.33 25.41 -20.67
C CYS C 224 5.90 24.99 -20.96
N SER C 225 5.23 25.76 -21.80
CA SER C 225 3.91 25.39 -22.32
C SER C 225 4.05 24.69 -23.66
N TRP C 226 2.95 24.09 -24.14
CA TRP C 226 2.91 23.47 -25.49
C TRP C 226 3.18 24.53 -26.56
N TYR C 227 2.70 25.75 -26.30
CA TYR C 227 3.01 26.88 -27.17
C TYR C 227 4.55 27.12 -27.27
N ASP C 228 5.22 27.17 -26.13
CA ASP C 228 6.66 27.40 -26.11
C ASP C 228 7.39 26.27 -26.81
N PHE C 229 6.88 25.05 -26.60
CA PHE C 229 7.40 23.83 -27.21
C PHE C 229 7.33 23.97 -28.74
N ALA C 230 6.15 24.30 -29.27
CA ALA C 230 5.96 24.52 -30.71
C ALA C 230 6.90 25.62 -31.28
N VAL C 231 6.96 26.75 -30.59
CA VAL C 231 7.83 27.86 -31.02
C VAL C 231 9.29 27.38 -31.15
N GLU C 232 9.76 26.61 -30.17
CA GLU C 232 11.14 26.12 -30.23
C GLU C 232 11.37 25.07 -31.35
N ILE C 233 10.36 24.22 -31.55
CA ILE C 233 10.39 23.27 -32.67
C ILE C 233 10.59 24.00 -33.99
N PHE C 234 9.79 25.04 -34.23
CA PHE C 234 9.86 25.78 -35.49
C PHE C 234 11.12 26.63 -35.57
N ARG C 235 11.60 27.16 -34.45
CA ARG C 235 12.89 27.84 -34.45
C ARG C 235 13.99 26.87 -34.88
N LEU C 236 13.96 25.67 -34.35
CA LEU C 236 15.00 24.69 -34.63
C LEU C 236 14.97 24.10 -36.01
N THR C 237 13.77 23.97 -36.60
CA THR C 237 13.63 23.42 -37.96
C THR C 237 13.76 24.47 -39.05
N GLY C 238 13.53 25.73 -38.69
CA GLY C 238 13.53 26.86 -39.63
C GLY C 238 12.19 27.07 -40.32
N ILE C 239 11.18 26.31 -39.92
CA ILE C 239 9.87 26.38 -40.55
C ILE C 239 9.23 27.72 -40.20
N ASP C 240 8.77 28.42 -41.24
CA ASP C 240 8.17 29.74 -41.12
C ASP C 240 6.67 29.55 -40.93
N VAL C 241 6.22 29.69 -39.69
CA VAL C 241 4.82 29.55 -39.34
C VAL C 241 4.62 30.45 -38.13
N LYS C 242 3.53 31.19 -38.12
CA LYS C 242 3.21 32.05 -36.98
C LYS C 242 2.44 31.21 -35.98
N VAL C 243 2.99 31.05 -34.78
CA VAL C 243 2.27 30.36 -33.72
C VAL C 243 1.61 31.40 -32.82
N THR C 244 0.35 31.15 -32.52
CA THR C 244 -0.46 32.02 -31.66
C THR C 244 -0.80 31.23 -30.39
N PRO C 245 -0.57 31.84 -29.22
CA PRO C 245 -0.91 31.18 -27.97
C PRO C 245 -2.42 31.22 -27.79
N CYS C 246 -3.01 30.13 -27.35
CA CYS C 246 -4.43 30.15 -27.03
C CYS C 246 -4.70 29.48 -25.69
N THR C 247 -5.97 29.37 -25.32
CA THR C 247 -6.39 28.69 -24.11
C THR C 247 -7.03 27.32 -24.40
N THR C 248 -7.13 26.54 -23.33
CA THR C 248 -7.70 25.20 -23.35
C THR C 248 -9.20 25.21 -23.69
N GLU C 249 -9.91 26.24 -23.24
CA GLU C 249 -11.35 26.36 -23.48
C GLU C 249 -11.71 26.52 -24.96
N GLU C 250 -10.80 27.11 -25.71
CA GLU C 250 -10.98 27.38 -27.14
C GLU C 250 -11.13 26.11 -28.00
N PHE C 251 -10.47 25.02 -27.60
CA PHE C 251 -10.45 23.79 -28.42
C PHE C 251 -10.64 22.54 -27.51
N PRO C 252 -11.88 22.30 -27.10
CA PRO C 252 -12.19 21.31 -26.06
C PRO C 252 -12.07 19.84 -26.49
N ARG C 253 -11.68 18.99 -25.54
CA ARG C 253 -11.48 17.57 -25.77
C ARG C 253 -12.24 16.70 -24.75
N PRO C 254 -12.51 15.44 -25.08
CA PRO C 254 -13.15 14.48 -24.13
C PRO C 254 -12.44 14.26 -22.77
N ALA C 255 -11.11 14.18 -22.77
CA ALA C 255 -10.35 14.01 -21.54
C ALA C 255 -9.91 15.35 -20.93
N LYS C 256 -10.06 15.47 -19.60
CA LYS C 256 -9.50 16.58 -18.83
C LYS C 256 -7.96 16.50 -18.83
N ARG C 257 -7.31 17.61 -19.24
CA ARG C 257 -5.85 17.74 -19.25
C ARG C 257 -5.36 18.71 -18.20
N PRO C 258 -4.23 18.40 -17.58
CA PRO C 258 -3.79 19.15 -16.41
C PRO C 258 -3.36 20.54 -16.84
N LYS C 259 -3.67 21.54 -16.03
CA LYS C 259 -3.15 22.88 -16.30
C LYS C 259 -1.64 22.94 -16.08
N TYR C 260 -1.18 22.22 -15.05
CA TYR C 260 0.18 22.27 -14.62
C TYR C 260 0.57 20.84 -14.35
N SER C 261 1.53 20.33 -15.12
CA SER C 261 2.03 18.96 -14.92
C SER C 261 3.56 18.91 -14.98
N VAL C 262 4.20 19.88 -14.34
CA VAL C 262 5.66 19.86 -14.21
C VAL C 262 6.03 18.86 -13.11
N LEU C 263 6.80 17.83 -13.48
CA LEU C 263 7.29 16.90 -12.50
C LEU C 263 8.70 17.28 -12.07
N ARG C 264 8.93 17.30 -10.77
CA ARG C 264 10.27 17.43 -10.28
C ARG C 264 10.83 16.01 -10.20
N ASN C 265 12.06 15.81 -10.70
CA ASN C 265 12.77 14.53 -10.61
C ASN C 265 13.47 14.44 -9.21
N TYR C 266 12.67 14.50 -8.16
CA TYR C 266 13.15 14.66 -6.80
C TYR C 266 13.87 13.39 -6.30
N LEU C 268 15.46 11.22 -8.02
CA LEU C 268 16.78 11.18 -8.68
C LEU C 268 17.73 12.13 -8.00
N GLU C 269 17.27 13.36 -7.77
CA GLU C 269 18.04 14.38 -7.05
C GLU C 269 18.47 13.94 -5.65
N LEU C 270 17.57 13.24 -4.95
CA LEU C 270 17.84 12.77 -3.59
C LEU C 270 18.67 11.49 -3.52
N THR C 271 18.85 10.78 -4.64
CA THR C 271 19.59 9.50 -4.63
C THR C 271 20.85 9.57 -5.52
N THR C 272 20.83 9.06 -6.75
CA THR C 272 22.04 8.95 -7.53
C THR C 272 22.16 9.97 -8.65
N GLY C 273 21.30 10.98 -8.67
CA GLY C 273 21.51 12.12 -9.57
C GLY C 273 20.52 12.19 -10.70
N ASP C 274 19.97 13.41 -10.92
CA ASP C 274 19.12 13.72 -12.07
C ASP C 274 19.97 13.93 -13.35
N ILE C 275 20.14 12.85 -14.09
CA ILE C 275 20.94 12.86 -15.29
C ILE C 275 20.23 13.36 -16.53
N THR C 276 18.95 13.73 -16.42
CA THR C 276 18.24 14.24 -17.59
C THR C 276 18.83 15.60 -17.97
N ARG C 277 18.57 15.99 -19.20
CA ARG C 277 19.07 17.24 -19.74
C ARG C 277 17.94 18.24 -19.75
N GLU C 278 18.33 19.51 -19.87
CA GLU C 278 17.42 20.61 -20.16
C GLU C 278 16.66 20.27 -21.42
N TRP C 279 15.39 20.61 -21.43
CA TRP C 279 14.51 20.17 -22.48
C TRP C 279 14.90 20.63 -23.89
N LYS C 280 15.43 21.85 -24.02
CA LYS C 280 15.84 22.38 -25.30
C LYS C 280 17.03 21.61 -25.88
N GLU C 281 17.92 21.14 -25.01
CA GLU C 281 19.09 20.37 -25.42
C GLU C 281 18.71 19.01 -25.98
N SER C 282 17.83 18.31 -25.26
CA SER C 282 17.33 17.04 -25.72
C SER C 282 16.53 17.18 -27.03
N LEU C 283 15.81 18.29 -27.15
CA LEU C 283 14.97 18.51 -28.30
C LEU C 283 15.85 18.79 -29.52
N LYS C 284 16.84 19.65 -29.35
CA LYS C 284 17.76 19.93 -30.46
C LYS C 284 18.39 18.66 -30.97
N GLU C 285 18.83 17.79 -30.06
CA GLU C 285 19.46 16.52 -30.46
C GLU C 285 18.46 15.67 -31.28
N TYR C 286 17.20 15.73 -30.91
CA TYR C 286 16.16 14.96 -31.61
C TYR C 286 15.89 15.50 -33.00
N ILE C 287 15.69 16.82 -33.09
CA ILE C 287 15.45 17.48 -34.38
C ILE C 287 16.62 17.17 -35.32
N ASP C 288 17.84 17.24 -34.81
CA ASP C 288 19.02 16.92 -35.63
C ASP C 288 18.98 15.49 -36.20
N LEU C 289 18.57 14.56 -35.36
CA LEU C 289 18.36 13.16 -35.81
C LEU C 289 17.32 13.01 -36.93
N LEU C 290 16.23 13.76 -36.79
CA LEU C 290 15.14 13.79 -37.76
C LEU C 290 15.58 14.32 -39.09
N GLN C 291 16.31 15.44 -39.07
CA GLN C 291 16.83 16.06 -40.32
C GLN C 291 18.18 15.46 -40.71
#